data_3MZO
#
_entry.id   3MZO
#
_cell.length_a   101.243
_cell.length_b   121.866
_cell.length_c   66.621
_cell.angle_alpha   90.000
_cell.angle_beta   121.360
_cell.angle_gamma   90.000
#
_symmetry.space_group_name_H-M   'C 1 2 1'
#
loop_
_entity.id
_entity.type
_entity.pdbx_description
1 polymer 'Lin2634 protein'
2 non-polymer 'CALCIUM ION'
3 non-polymer DI(HYDROXYETHYL)ETHER
4 water water
#
_entity_poly.entity_id   1
_entity_poly.type   'polypeptide(L)'
_entity_poly.pdbx_seq_one_letter_code
;G(MSE)GIHQYFQSLSDLENIYRCPGKFKYQEHSVAEHSYKVTSIAQFFGAVEEDAGNEVNWRALYEKALNHDYSELFIG
DIKTPVKYATTELRE(MSE)LSEVEES(MSE)TKNFISREIPATFQPIYRHLLKEGKDSTLEGKILAISDKVDLLYESFG
EIQKGNPENIFVEIYSEALATIYEYRE(MSE)ASVKYFLKEILPD(MSE)LAEKGIEKTELPQLTTEITTKALRDE
;
_entity_poly.pdbx_strand_id   A,B,C
#
loop_
_chem_comp.id
_chem_comp.type
_chem_comp.name
_chem_comp.formula
CA non-polymer 'CALCIUM ION' 'Ca 2'
PEG non-polymer DI(HYDROXYETHYL)ETHER 'C4 H10 O3'
#
# COMPACT_ATOMS: atom_id res chain seq x y z
N GLY A 1 3.30 0.59 30.57
CA GLY A 1 2.86 -0.82 30.82
C GLY A 1 1.35 -0.89 31.03
N MSE A 2 0.91 -1.95 31.71
CA MSE A 2 -0.51 -2.20 32.05
C MSE A 2 -1.21 -1.00 32.72
O MSE A 2 -0.80 -0.55 33.78
CB MSE A 2 -0.58 -3.42 32.98
CG MSE A 2 -2.00 -3.97 33.28
SE MSE A 2 -2.00 -5.87 34.00
CE MSE A 2 -0.76 -6.68 32.73
N GLY A 3 -2.26 -0.48 32.10
CA GLY A 3 -3.06 0.57 32.73
C GLY A 3 -4.10 1.15 31.79
N ILE A 4 -5.15 1.72 32.36
CA ILE A 4 -6.20 2.37 31.61
C ILE A 4 -5.65 3.59 30.84
N HIS A 5 -4.60 4.21 31.36
CA HIS A 5 -3.95 5.31 30.64
C HIS A 5 -3.55 4.84 29.23
N GLN A 6 -2.98 3.66 29.12
CA GLN A 6 -2.57 3.11 27.83
C GLN A 6 -3.76 2.91 26.92
N TYR A 7 -4.86 2.45 27.50
CA TYR A 7 -6.08 2.24 26.74
C TYR A 7 -6.61 3.58 26.21
N PHE A 8 -6.68 4.59 27.09
CA PHE A 8 -7.10 5.91 26.68
C PHE A 8 -6.22 6.49 25.53
N GLN A 9 -4.89 6.33 25.62
CA GLN A 9 -4.00 6.78 24.53
C GLN A 9 -4.32 6.08 23.21
N SER A 10 -4.61 4.80 23.31
CA SER A 10 -4.93 3.97 22.15
C SER A 10 -6.12 4.43 21.33
N LEU A 11 -7.11 5.06 21.97
CA LEU A 11 -8.27 5.55 21.27
C LEU A 11 -7.93 6.46 20.10
N SER A 12 -6.90 7.29 20.27
CA SER A 12 -6.44 8.20 19.26
C SER A 12 -5.80 7.48 18.09
N ASP A 13 -5.15 6.36 18.36
CA ASP A 13 -4.52 5.57 17.30
C ASP A 13 -5.53 5.06 16.26
N LEU A 14 -6.80 4.91 16.64
CA LEU A 14 -7.84 4.51 15.74
C LEU A 14 -8.21 5.61 14.77
N GLU A 15 -7.70 6.82 14.98
CA GLU A 15 -7.85 7.90 14.01
C GLU A 15 -6.86 7.77 12.87
N ASN A 16 -5.85 6.91 13.05
CA ASN A 16 -4.80 6.79 12.08
C ASN A 16 -4.90 5.49 11.29
N ILE A 17 -5.97 4.71 11.52
CA ILE A 17 -6.26 3.50 10.73
C ILE A 17 -7.46 3.85 9.91
N TYR A 18 -7.36 3.65 8.61
CA TYR A 18 -8.41 4.03 7.68
C TYR A 18 -9.10 2.82 7.05
N ARG A 19 -10.34 3.02 6.68
CA ARG A 19 -11.11 1.91 6.12
C ARG A 19 -10.75 1.66 4.67
N CYS A 20 -10.65 0.39 4.32
CA CYS A 20 -10.29 -0.11 2.96
C CYS A 20 -9.28 0.81 2.25
N PRO A 21 -8.09 0.85 2.78
CA PRO A 21 -7.09 1.66 2.13
C PRO A 21 -6.68 1.02 0.79
N GLY A 22 -6.22 1.84 -0.13
CA GLY A 22 -5.76 1.33 -1.44
C GLY A 22 -6.38 2.17 -2.54
N LYS A 23 -7.67 1.94 -2.76
CA LYS A 23 -8.35 2.64 -3.83
C LYS A 23 -8.61 4.09 -3.43
N PHE A 24 -8.51 4.96 -4.40
CA PHE A 24 -8.79 6.35 -4.19
C PHE A 24 -10.19 6.56 -3.67
N LYS A 25 -10.31 7.43 -2.65
CA LYS A 25 -11.60 7.90 -2.17
C LYS A 25 -11.54 9.38 -2.08
N TYR A 26 -12.63 10.06 -2.44
CA TYR A 26 -12.68 11.49 -2.23
C TYR A 26 -12.69 11.87 -0.74
N GLN A 27 -13.27 11.03 0.09
CA GLN A 27 -13.24 11.27 1.56
C GLN A 27 -12.82 9.98 2.27
N GLU A 28 -11.69 9.96 2.98
CA GLU A 28 -11.28 8.77 3.73
CA GLU A 28 -11.29 8.77 3.74
C GLU A 28 -12.00 8.78 5.11
N HIS A 29 -12.18 7.62 5.73
CA HIS A 29 -12.85 7.56 7.03
C HIS A 29 -11.99 6.74 7.95
N SER A 30 -11.61 7.27 9.12
CA SER A 30 -10.86 6.46 10.09
C SER A 30 -11.76 5.40 10.75
N VAL A 31 -11.16 4.44 11.40
CA VAL A 31 -11.94 3.46 12.08
C VAL A 31 -12.71 4.14 13.22
N ALA A 32 -12.08 5.15 13.85
CA ALA A 32 -12.73 5.92 14.91
C ALA A 32 -14.00 6.58 14.44
N GLU A 33 -13.91 7.22 13.28
CA GLU A 33 -15.07 7.86 12.67
C GLU A 33 -16.19 6.89 12.29
N HIS A 34 -15.82 5.77 11.67
CA HIS A 34 -16.77 4.69 11.34
C HIS A 34 -17.48 4.22 12.62
N SER A 35 -16.73 4.10 13.72
CA SER A 35 -17.31 3.68 14.98
C SER A 35 -18.33 4.69 15.50
N TYR A 36 -17.99 5.97 15.46
CA TYR A 36 -18.92 7.03 15.85
C TYR A 36 -20.20 6.92 15.00
N LYS A 37 -20.03 6.74 13.70
CA LYS A 37 -21.18 6.70 12.80
C LYS A 37 -22.04 5.44 13.02
N VAL A 38 -21.40 4.29 13.19
CA VAL A 38 -22.16 3.07 13.43
C VAL A 38 -22.98 3.20 14.74
N THR A 39 -22.42 3.82 15.79
CA THR A 39 -23.11 3.94 17.06
C THR A 39 -24.29 4.90 16.91
N SER A 40 -24.11 5.96 16.11
CA SER A 40 -25.19 6.91 15.88
C SER A 40 -26.35 6.28 15.07
N ILE A 41 -26.00 5.46 14.10
CA ILE A 41 -26.97 4.73 13.25
C ILE A 41 -27.70 3.71 14.18
N ALA A 42 -26.95 2.95 14.96
CA ALA A 42 -27.53 2.00 15.90
C ALA A 42 -28.47 2.69 16.91
N GLN A 43 -28.09 3.85 17.43
CA GLN A 43 -28.90 4.66 18.31
C GLN A 43 -30.25 4.99 17.66
N PHE A 44 -30.22 5.35 16.38
CA PHE A 44 -31.46 5.59 15.66
C PHE A 44 -32.33 4.31 15.57
N PHE A 45 -31.73 3.21 15.19
CA PHE A 45 -32.53 2.00 14.99
C PHE A 45 -33.11 1.49 16.30
N GLY A 46 -32.41 1.73 17.41
CA GLY A 46 -32.91 1.42 18.72
C GLY A 46 -34.21 2.13 18.96
N ALA A 47 -34.26 3.41 18.60
CA ALA A 47 -35.49 4.21 18.77
C ALA A 47 -36.64 3.67 17.94
N VAL A 48 -36.34 3.26 16.71
CA VAL A 48 -37.32 2.65 15.80
C VAL A 48 -37.90 1.36 16.45
N GLU A 49 -37.02 0.53 17.01
CA GLU A 49 -37.46 -0.74 17.59
C GLU A 49 -38.35 -0.49 18.83
N GLU A 50 -38.02 0.51 19.64
CA GLU A 50 -38.84 0.84 20.81
C GLU A 50 -40.19 1.39 20.38
N ASP A 51 -40.21 2.24 19.35
CA ASP A 51 -41.46 2.75 18.79
C ASP A 51 -42.33 1.55 18.32
N ALA A 52 -41.70 0.49 17.82
CA ALA A 52 -42.42 -0.68 17.32
C ALA A 52 -42.87 -1.61 18.45
N GLY A 53 -42.52 -1.29 19.69
CA GLY A 53 -42.93 -2.09 20.84
C GLY A 53 -41.89 -3.04 21.35
N ASN A 54 -40.67 -3.00 20.82
CA ASN A 54 -39.64 -3.95 21.24
C ASN A 54 -38.73 -3.39 22.32
N GLU A 55 -38.54 -4.20 23.34
CA GLU A 55 -37.69 -3.85 24.46
CA GLU A 55 -37.70 -3.86 24.48
C GLU A 55 -36.24 -3.85 23.99
N VAL A 56 -35.53 -2.76 24.24
CA VAL A 56 -34.12 -2.70 23.81
C VAL A 56 -33.24 -2.67 25.04
N ASN A 57 -32.20 -3.50 25.06
CA ASN A 57 -31.15 -3.42 26.07
C ASN A 57 -30.14 -2.36 25.58
N TRP A 58 -30.25 -1.16 26.12
CA TRP A 58 -29.48 -0.03 25.60
C TRP A 58 -27.97 -0.14 25.84
N ARG A 59 -27.58 -0.65 27.00
CA ARG A 59 -26.17 -0.86 27.23
C ARG A 59 -25.58 -1.82 26.18
N ALA A 60 -26.26 -2.92 25.93
CA ALA A 60 -25.85 -3.85 24.87
C ALA A 60 -25.85 -3.20 23.45
N LEU A 61 -26.86 -2.42 23.11
CA LEU A 61 -26.93 -1.77 21.80
C LEU A 61 -25.66 -0.90 21.59
N TYR A 62 -25.38 -0.06 22.58
CA TYR A 62 -24.34 0.94 22.50
C TYR A 62 -22.96 0.30 22.59
N GLU A 63 -22.79 -0.67 23.52
CA GLU A 63 -21.47 -1.27 23.62
C GLU A 63 -21.10 -2.09 22.39
N LYS A 64 -22.06 -2.78 21.79
CA LYS A 64 -21.76 -3.55 20.61
C LYS A 64 -21.30 -2.63 19.50
N ALA A 65 -22.04 -1.55 19.29
CA ALA A 65 -21.78 -0.60 18.18
C ALA A 65 -20.46 0.16 18.39
N LEU A 66 -20.26 0.68 19.59
CA LEU A 66 -19.08 1.49 19.85
C LEU A 66 -17.76 0.75 19.75
N ASN A 67 -17.73 -0.49 20.21
CA ASN A 67 -16.50 -1.23 20.34
C ASN A 67 -16.22 -2.27 19.24
N HIS A 68 -17.09 -2.41 18.27
CA HIS A 68 -16.97 -3.50 17.32
C HIS A 68 -15.73 -3.55 16.45
N ASP A 69 -15.04 -2.42 16.20
CA ASP A 69 -13.84 -2.40 15.39
C ASP A 69 -12.61 -1.91 16.11
N TYR A 70 -12.67 -1.84 17.43
CA TYR A 70 -11.53 -1.48 18.23
C TYR A 70 -10.29 -2.38 17.90
N SER A 71 -10.53 -3.67 17.64
CA SER A 71 -9.43 -4.62 17.36
C SER A 71 -8.64 -4.32 16.09
N GLU A 72 -9.18 -3.47 15.22
CA GLU A 72 -8.49 -2.96 14.04
CA GLU A 72 -8.45 -3.05 14.04
C GLU A 72 -7.21 -2.27 14.42
N LEU A 73 -7.10 -1.85 15.69
CA LEU A 73 -5.84 -1.33 16.21
C LEU A 73 -4.66 -2.25 15.97
N PHE A 74 -4.89 -3.56 16.07
CA PHE A 74 -3.79 -4.51 15.88
C PHE A 74 -3.90 -5.50 14.73
N ILE A 75 -5.06 -5.66 14.13
CA ILE A 75 -5.21 -6.50 12.95
C ILE A 75 -6.27 -5.92 11.99
N GLY A 76 -5.89 -5.69 10.73
CA GLY A 76 -6.83 -5.25 9.69
C GLY A 76 -7.99 -6.20 9.39
N ASP A 77 -9.05 -5.65 8.80
CA ASP A 77 -10.25 -6.42 8.48
C ASP A 77 -10.69 -6.09 7.04
N ILE A 78 -11.13 -7.12 6.29
CA ILE A 78 -11.47 -6.97 4.85
C ILE A 78 -12.95 -6.54 4.58
N LYS A 79 -13.13 -5.26 4.20
CA LYS A 79 -14.47 -4.62 4.03
C LYS A 79 -15.10 -4.84 2.64
N THR A 80 -14.25 -5.15 1.66
CA THR A 80 -14.69 -5.39 0.28
C THR A 80 -15.27 -6.81 0.18
N PRO A 81 -16.14 -7.09 -0.84
CA PRO A 81 -16.78 -8.43 -0.89
C PRO A 81 -15.79 -9.55 -1.28
N VAL A 82 -16.16 -10.81 -1.01
CA VAL A 82 -15.26 -11.98 -1.22
C VAL A 82 -14.72 -12.07 -2.66
N LYS A 83 -13.42 -11.81 -2.81
CA LYS A 83 -12.74 -11.94 -4.09
CA LYS A 83 -12.73 -11.92 -4.10
C LYS A 83 -11.61 -12.97 -4.01
N TYR A 84 -10.61 -12.69 -3.17
CA TYR A 84 -9.43 -13.56 -3.02
C TYR A 84 -9.44 -14.31 -1.68
N ALA A 85 -10.22 -13.78 -0.74
CA ALA A 85 -10.40 -14.39 0.59
C ALA A 85 -11.66 -15.27 0.61
N THR A 86 -11.45 -16.57 0.85
CA THR A 86 -12.55 -17.53 0.91
C THR A 86 -13.27 -17.39 2.26
N THR A 87 -14.06 -18.40 2.61
CA THR A 87 -14.67 -18.49 3.93
C THR A 87 -13.67 -19.11 4.91
N GLU A 88 -12.95 -20.14 4.46
CA GLU A 88 -11.91 -20.78 5.29
C GLU A 88 -10.84 -19.75 5.72
N LEU A 89 -10.46 -18.89 4.79
CA LEU A 89 -9.40 -17.89 5.02
C LEU A 89 -9.88 -16.76 5.95
N ARG A 90 -11.14 -16.33 5.81
CA ARG A 90 -11.74 -15.33 6.69
C ARG A 90 -11.95 -15.81 8.15
N GLU A 91 -12.20 -17.10 8.34
CA GLU A 91 -12.24 -17.71 9.69
C GLU A 91 -10.85 -17.79 10.33
N MSE A 92 -9.81 -18.08 9.54
CA MSE A 92 -8.43 -18.02 10.04
C MSE A 92 -8.12 -16.60 10.55
O MSE A 92 -7.54 -16.46 11.62
CB MSE A 92 -7.42 -18.43 8.96
CG MSE A 92 -7.47 -19.88 8.54
SE MSE A 92 -6.07 -20.34 7.24
CE MSE A 92 -4.51 -20.07 8.41
N LEU A 93 -8.51 -15.57 9.79
CA LEU A 93 -8.29 -14.17 10.19
C LEU A 93 -9.04 -13.84 11.48
N SER A 94 -10.26 -14.36 11.62
CA SER A 94 -11.06 -14.17 12.85
C SER A 94 -10.40 -14.79 14.07
N GLU A 95 -9.82 -15.97 13.91
CA GLU A 95 -9.14 -16.62 15.03
C GLU A 95 -7.90 -15.81 15.46
N VAL A 96 -7.13 -15.33 14.50
CA VAL A 96 -5.94 -14.50 14.81
C VAL A 96 -6.37 -13.26 15.59
N GLU A 97 -7.43 -12.62 15.14
CA GLU A 97 -7.96 -11.42 15.78
C GLU A 97 -8.41 -11.71 17.22
N GLU A 98 -9.08 -12.84 17.40
CA GLU A 98 -9.54 -13.28 18.71
C GLU A 98 -8.35 -13.43 19.67
N SER A 99 -7.32 -14.14 19.22
CA SER A 99 -6.12 -14.37 20.03
C SER A 99 -5.40 -13.07 20.35
N MSE A 100 -5.29 -12.18 19.37
CA MSE A 100 -4.58 -10.92 19.60
C MSE A 100 -5.32 -10.03 20.63
O MSE A 100 -4.68 -9.38 21.47
CB MSE A 100 -4.37 -10.19 18.26
CG MSE A 100 -3.37 -10.98 17.32
SE MSE A 100 -3.03 -9.96 15.66
CE MSE A 100 -2.02 -8.63 16.63
N THR A 101 -6.64 -10.02 20.57
CA THR A 101 -7.47 -9.26 21.51
C THR A 101 -7.22 -9.79 22.93
N LYS A 102 -7.22 -11.12 23.07
CA LYS A 102 -6.94 -11.77 24.35
C LYS A 102 -5.57 -11.30 24.86
N ASN A 103 -4.56 -11.35 23.99
CA ASN A 103 -3.21 -10.97 24.40
C ASN A 103 -3.13 -9.49 24.76
N PHE A 104 -3.89 -8.67 24.04
CA PHE A 104 -3.90 -7.24 24.31
C PHE A 104 -4.45 -6.98 25.73
N ILE A 105 -5.59 -7.59 26.02
CA ILE A 105 -6.25 -7.42 27.34
C ILE A 105 -5.36 -7.86 28.49
N SER A 106 -4.66 -8.98 28.30
CA SER A 106 -3.77 -9.56 29.31
C SER A 106 -2.57 -8.66 29.58
N ARG A 107 -2.07 -8.06 28.50
CA ARG A 107 -0.87 -7.22 28.55
C ARG A 107 -1.16 -5.78 29.02
N GLU A 108 -2.27 -5.20 28.57
CA GLU A 108 -2.49 -3.77 28.70
C GLU A 108 -3.55 -3.36 29.72
N ILE A 109 -4.55 -4.22 29.98
CA ILE A 109 -5.67 -3.84 30.88
C ILE A 109 -5.41 -4.38 32.30
N PRO A 110 -5.59 -3.51 33.34
CA PRO A 110 -5.46 -4.02 34.70
C PRO A 110 -6.42 -5.21 34.97
N ALA A 111 -6.00 -6.18 35.78
CA ALA A 111 -6.86 -7.34 36.11
C ALA A 111 -8.28 -6.93 36.51
N THR A 112 -8.43 -5.93 37.37
CA THR A 112 -9.77 -5.50 37.78
C THR A 112 -10.70 -5.25 36.59
N PHE A 113 -10.19 -4.72 35.48
CA PHE A 113 -11.05 -4.36 34.34
C PHE A 113 -10.99 -5.31 33.15
N GLN A 114 -10.15 -6.34 33.25
CA GLN A 114 -10.06 -7.32 32.16
C GLN A 114 -11.44 -7.95 31.81
N PRO A 115 -12.25 -8.29 32.82
CA PRO A 115 -13.54 -8.93 32.52
C PRO A 115 -14.47 -8.03 31.72
N ILE A 116 -14.55 -6.75 32.11
CA ILE A 116 -15.40 -5.83 31.33
C ILE A 116 -14.87 -5.61 29.91
N TYR A 117 -13.56 -5.47 29.72
CA TYR A 117 -12.96 -5.39 28.37
C TYR A 117 -13.05 -6.66 27.53
N ARG A 118 -13.01 -7.81 28.17
CA ARG A 118 -13.22 -9.10 27.51
C ARG A 118 -14.65 -9.09 26.93
N HIS A 119 -15.59 -8.64 27.74
CA HIS A 119 -16.98 -8.49 27.32
C HIS A 119 -17.19 -7.43 26.21
N LEU A 120 -16.56 -6.28 26.36
CA LEU A 120 -16.74 -5.18 25.41
C LEU A 120 -16.10 -5.46 24.04
N LEU A 121 -15.02 -6.24 24.01
CA LEU A 121 -14.25 -6.40 22.78
C LEU A 121 -14.51 -7.72 22.09
N LYS A 122 -15.41 -8.55 22.62
CA LYS A 122 -15.75 -9.81 21.96
C LYS A 122 -16.71 -9.55 20.80
N GLU A 123 -16.92 -10.58 19.97
CA GLU A 123 -17.86 -10.48 18.85
C GLU A 123 -19.24 -9.98 19.28
N GLY A 124 -19.72 -8.92 18.64
CA GLY A 124 -21.01 -8.30 18.99
C GLY A 124 -22.20 -8.72 18.12
N LYS A 125 -21.91 -9.21 16.92
CA LYS A 125 -22.98 -9.60 16.01
C LYS A 125 -23.52 -11.00 16.37
N ASP A 126 -24.78 -11.07 16.68
CA ASP A 126 -25.42 -12.36 16.99
C ASP A 126 -26.88 -12.21 16.63
N SER A 127 -27.73 -13.12 17.10
CA SER A 127 -29.13 -13.08 16.72
C SER A 127 -29.99 -12.36 17.77
N THR A 128 -29.39 -11.80 18.82
CA THR A 128 -30.13 -10.88 19.72
C THR A 128 -30.55 -9.62 18.96
N LEU A 129 -31.56 -8.92 19.45
CA LEU A 129 -32.04 -7.73 18.79
C LEU A 129 -30.88 -6.70 18.65
N GLU A 130 -30.05 -6.59 19.68
CA GLU A 130 -28.98 -5.59 19.72
C GLU A 130 -27.81 -6.03 18.84
N GLY A 131 -27.60 -7.34 18.78
CA GLY A 131 -26.64 -7.92 17.89
C GLY A 131 -27.03 -7.65 16.44
N LYS A 132 -28.32 -7.77 16.15
CA LYS A 132 -28.77 -7.60 14.80
C LYS A 132 -28.74 -6.12 14.46
N ILE A 133 -29.05 -5.24 15.42
CA ILE A 133 -28.90 -3.79 15.17
C ILE A 133 -27.43 -3.49 14.79
N LEU A 134 -26.46 -4.14 15.44
CA LEU A 134 -25.06 -3.90 15.09
C LEU A 134 -24.79 -4.36 13.64
N ALA A 135 -25.32 -5.53 13.31
CA ALA A 135 -25.11 -6.13 11.98
C ALA A 135 -25.62 -5.16 10.92
N ILE A 136 -26.82 -4.62 11.11
CA ILE A 136 -27.36 -3.73 10.09
C ILE A 136 -26.73 -2.35 10.09
N SER A 137 -26.37 -1.83 11.27
CA SER A 137 -25.79 -0.51 11.39
C SER A 137 -24.41 -0.46 10.74
N ASP A 138 -23.60 -1.49 10.94
CA ASP A 138 -22.30 -1.60 10.29
C ASP A 138 -22.48 -1.56 8.77
N LYS A 139 -23.45 -2.33 8.25
CA LYS A 139 -23.69 -2.33 6.81
C LYS A 139 -24.30 -1.04 6.27
N VAL A 140 -25.17 -0.39 7.06
CA VAL A 140 -25.66 0.94 6.69
C VAL A 140 -24.49 1.94 6.55
N ASP A 141 -23.52 1.92 7.46
CA ASP A 141 -22.37 2.83 7.27
C ASP A 141 -21.58 2.48 5.99
N LEU A 142 -21.35 1.21 5.75
CA LEU A 142 -20.65 0.78 4.56
C LEU A 142 -21.45 1.18 3.29
N LEU A 143 -22.77 1.09 3.36
CA LEU A 143 -23.65 1.52 2.29
C LEU A 143 -23.45 3.03 2.00
N TYR A 144 -23.46 3.83 3.05
CA TYR A 144 -23.27 5.28 2.96
C TYR A 144 -21.88 5.64 2.50
N GLU A 145 -20.86 4.96 2.99
CA GLU A 145 -19.50 5.18 2.48
C GLU A 145 -19.40 5.02 0.98
N SER A 146 -19.90 3.87 0.49
CA SER A 146 -19.81 3.53 -0.91
C SER A 146 -20.71 4.41 -1.77
N PHE A 147 -21.90 4.69 -1.27
CA PHE A 147 -22.79 5.58 -1.96
C PHE A 147 -22.19 6.98 -2.12
N GLY A 148 -21.60 7.49 -1.05
CA GLY A 148 -20.95 8.82 -1.08
C GLY A 148 -19.91 8.90 -2.18
N GLU A 149 -19.07 7.87 -2.29
CA GLU A 149 -18.07 7.85 -3.33
C GLU A 149 -18.69 7.84 -4.71
N ILE A 150 -19.73 7.04 -4.88
CA ILE A 150 -20.40 6.96 -6.18
C ILE A 150 -21.02 8.32 -6.53
N GLN A 151 -21.66 8.93 -5.54
CA GLN A 151 -22.35 10.22 -5.70
C GLN A 151 -21.36 11.36 -6.06
N LYS A 152 -20.12 11.25 -5.60
CA LYS A 152 -19.07 12.22 -5.89
C LYS A 152 -18.37 11.98 -7.23
N GLY A 153 -18.73 10.90 -7.92
CA GLY A 153 -18.16 10.62 -9.18
C GLY A 153 -16.98 9.70 -9.15
N ASN A 154 -16.74 8.99 -8.05
CA ASN A 154 -15.61 8.08 -8.04
C ASN A 154 -15.78 7.05 -9.15
N PRO A 155 -14.72 6.79 -9.93
CA PRO A 155 -14.90 5.92 -11.07
C PRO A 155 -14.72 4.42 -10.82
N GLU A 156 -14.21 4.04 -9.64
CA GLU A 156 -13.97 2.63 -9.33
C GLU A 156 -15.27 1.86 -9.09
N ASN A 157 -15.40 0.74 -9.81
CA ASN A 157 -16.54 -0.17 -9.74
CA ASN A 157 -16.62 -0.06 -9.69
C ASN A 157 -16.66 -0.87 -8.39
N ILE A 158 -15.54 -1.02 -7.69
CA ILE A 158 -15.54 -1.69 -6.38
C ILE A 158 -16.61 -1.07 -5.45
N PHE A 159 -16.84 0.24 -5.57
CA PHE A 159 -17.83 0.90 -4.72
C PHE A 159 -19.27 0.46 -5.04
N VAL A 160 -19.55 0.17 -6.30
CA VAL A 160 -20.88 -0.35 -6.67
C VAL A 160 -21.05 -1.77 -6.06
N GLU A 161 -19.98 -2.54 -6.09
CA GLU A 161 -19.99 -3.91 -5.55
C GLU A 161 -20.18 -3.93 -4.03
N ILE A 162 -19.53 -2.98 -3.35
CA ILE A 162 -19.65 -2.85 -1.91
C ILE A 162 -21.08 -2.43 -1.58
N TYR A 163 -21.63 -1.48 -2.34
CA TYR A 163 -22.99 -1.04 -2.12
C TYR A 163 -23.93 -2.26 -2.26
N SER A 164 -23.73 -3.03 -3.32
CA SER A 164 -24.58 -4.19 -3.62
CA SER A 164 -24.59 -4.18 -3.62
C SER A 164 -24.57 -5.22 -2.50
N GLU A 165 -23.37 -5.54 -2.00
CA GLU A 165 -23.19 -6.53 -0.93
C GLU A 165 -23.77 -5.98 0.35
N ALA A 166 -23.55 -4.71 0.65
CA ALA A 166 -24.06 -4.13 1.88
C ALA A 166 -25.62 -4.19 1.89
N LEU A 167 -26.25 -3.74 0.83
CA LEU A 167 -27.69 -3.75 0.69
C LEU A 167 -28.25 -5.18 0.77
N ALA A 168 -27.59 -6.13 0.11
CA ALA A 168 -28.04 -7.52 0.15
C ALA A 168 -28.01 -8.03 1.58
N THR A 169 -27.02 -7.62 2.38
CA THR A 169 -26.96 -8.07 3.76
C THR A 169 -28.05 -7.43 4.59
N ILE A 170 -28.24 -6.14 4.44
CA ILE A 170 -29.30 -5.40 5.15
C ILE A 170 -30.63 -6.11 4.86
N TYR A 171 -30.82 -6.54 3.62
CA TYR A 171 -32.10 -7.12 3.20
C TYR A 171 -32.43 -8.46 3.90
N GLU A 172 -31.39 -9.16 4.33
CA GLU A 172 -31.52 -10.40 5.10
CA GLU A 172 -31.57 -10.40 5.06
C GLU A 172 -32.07 -10.16 6.49
N TYR A 173 -32.10 -8.89 6.90
CA TYR A 173 -32.63 -8.52 8.20
C TYR A 173 -33.98 -7.84 8.04
N ARG A 174 -34.64 -8.09 6.91
CA ARG A 174 -35.92 -7.44 6.63
C ARG A 174 -37.09 -7.70 7.57
N GLU A 175 -36.94 -8.64 8.51
CA GLU A 175 -37.96 -8.89 9.51
C GLU A 175 -38.01 -7.77 10.56
N MSE A 176 -36.91 -7.04 10.68
CA MSE A 176 -36.80 -5.99 11.69
C MSE A 176 -37.60 -4.74 11.35
O MSE A 176 -37.57 -4.26 10.21
CB MSE A 176 -35.32 -5.61 11.87
CG MSE A 176 -34.40 -6.79 12.26
SE MSE A 176 -32.60 -6.16 12.37
CE MSE A 176 -32.78 -5.27 14.12
N ALA A 177 -38.27 -4.18 12.36
CA ALA A 177 -38.87 -2.85 12.20
C ALA A 177 -37.84 -1.84 11.67
N SER A 178 -36.55 -1.99 12.07
CA SER A 178 -35.46 -1.09 11.63
C SER A 178 -35.27 -1.16 10.11
N VAL A 179 -35.20 -2.37 9.58
CA VAL A 179 -34.98 -2.53 8.16
C VAL A 179 -36.22 -2.16 7.34
N LYS A 180 -37.42 -2.45 7.86
CA LYS A 180 -38.65 -2.02 7.24
C LYS A 180 -38.66 -0.50 7.07
N TYR A 181 -38.29 0.23 8.12
CA TYR A 181 -38.20 1.68 8.04
C TYR A 181 -37.12 2.14 7.03
N PHE A 182 -35.96 1.50 7.09
CA PHE A 182 -34.89 1.79 6.18
C PHE A 182 -35.33 1.63 4.74
N LEU A 183 -36.03 0.56 4.45
CA LEU A 183 -36.43 0.29 3.09
C LEU A 183 -37.53 1.23 2.67
N LYS A 184 -38.41 1.58 3.57
CA LYS A 184 -39.56 2.39 3.20
C LYS A 184 -39.24 3.87 3.05
N GLU A 185 -38.39 4.40 3.94
CA GLU A 185 -38.18 5.85 4.06
C GLU A 185 -36.77 6.35 3.69
N ILE A 186 -35.76 5.55 4.01
CA ILE A 186 -34.37 6.02 3.90
C ILE A 186 -33.83 5.73 2.51
N LEU A 187 -33.91 4.46 2.09
CA LEU A 187 -33.36 4.04 0.81
C LEU A 187 -33.96 4.83 -0.34
N PRO A 188 -35.27 5.10 -0.31
CA PRO A 188 -35.79 5.87 -1.45
C PRO A 188 -35.21 7.29 -1.54
N ASP A 189 -34.87 7.89 -0.40
CA ASP A 189 -34.26 9.23 -0.38
C ASP A 189 -32.87 9.16 -1.00
N MSE A 190 -32.14 8.10 -0.66
CA MSE A 190 -30.83 7.84 -1.27
CA MSE A 190 -30.84 7.86 -1.26
C MSE A 190 -30.93 7.78 -2.79
O MSE A 190 -30.19 8.47 -3.50
CB MSE A 190 -30.22 6.53 -0.78
CB MSE A 190 -30.25 6.58 -0.67
CG MSE A 190 -30.02 6.41 0.73
CG MSE A 190 -28.91 6.23 -1.16
SE MSE A 190 -29.07 4.77 1.20
SE MSE A 190 -28.27 4.68 -0.20
CE MSE A 190 -27.74 4.96 -0.21
CE MSE A 190 -27.22 5.55 1.18
N LEU A 191 -31.85 6.97 -3.29
CA LEU A 191 -31.97 6.73 -4.72
C LEU A 191 -32.55 7.92 -5.48
N ALA A 192 -33.20 8.83 -4.77
CA ALA A 192 -33.76 10.03 -5.36
C ALA A 192 -32.72 11.13 -5.46
N GLU A 193 -31.53 10.95 -4.92
CA GLU A 193 -30.50 11.98 -5.04
C GLU A 193 -30.21 12.28 -6.50
N LYS A 194 -29.87 13.52 -6.83
CA LYS A 194 -29.66 13.91 -8.24
C LYS A 194 -28.57 13.07 -8.91
N GLY A 195 -28.80 12.65 -10.14
CA GLY A 195 -27.79 11.88 -10.87
C GLY A 195 -27.76 10.39 -10.54
N ILE A 196 -28.42 9.97 -9.45
CA ILE A 196 -28.38 8.55 -9.07
C ILE A 196 -29.14 7.70 -10.11
N GLU A 197 -30.16 8.31 -10.72
CA GLU A 197 -30.95 7.68 -11.78
C GLU A 197 -30.07 7.24 -12.96
N LYS A 198 -28.93 7.90 -13.15
CA LYS A 198 -27.99 7.57 -14.23
C LYS A 198 -27.02 6.45 -13.88
N THR A 199 -26.99 6.00 -12.63
CA THR A 199 -26.07 4.96 -12.20
C THR A 199 -26.75 3.59 -12.27
N GLU A 200 -26.01 2.56 -11.90
CA GLU A 200 -26.56 1.22 -11.76
C GLU A 200 -27.39 1.01 -10.48
N LEU A 201 -27.35 1.94 -9.53
CA LEU A 201 -27.91 1.65 -8.20
C LEU A 201 -29.40 1.36 -8.17
N PRO A 202 -30.20 2.16 -8.90
CA PRO A 202 -31.63 1.86 -8.93
C PRO A 202 -31.94 0.43 -9.39
N GLN A 203 -31.27 0.01 -10.45
CA GLN A 203 -31.49 -1.33 -11.00
CA GLN A 203 -31.41 -1.33 -11.05
C GLN A 203 -31.01 -2.42 -10.05
N LEU A 204 -29.81 -2.26 -9.50
CA LEU A 204 -29.26 -3.19 -8.52
C LEU A 204 -30.16 -3.33 -7.31
N THR A 205 -30.70 -2.20 -6.86
CA THR A 205 -31.54 -2.15 -5.66
C THR A 205 -32.82 -2.93 -5.89
N THR A 206 -33.40 -2.79 -7.08
CA THR A 206 -34.58 -3.58 -7.45
C THR A 206 -34.26 -5.04 -7.49
N GLU A 207 -33.14 -5.40 -8.10
CA GLU A 207 -32.73 -6.80 -8.18
C GLU A 207 -32.54 -7.43 -6.81
N ILE A 208 -31.91 -6.69 -5.89
CA ILE A 208 -31.59 -7.18 -4.56
C ILE A 208 -32.82 -7.22 -3.65
N THR A 209 -33.72 -6.26 -3.79
CA THR A 209 -34.92 -6.19 -2.94
C THR A 209 -36.19 -6.79 -3.57
N THR A 210 -36.08 -7.48 -4.71
CA THR A 210 -37.24 -8.16 -5.34
C THR A 210 -36.77 -9.29 -6.27
N MSE B 2 -10.02 -8.52 -15.68
CA MSE B 2 -8.72 -9.20 -15.91
C MSE B 2 -7.92 -8.44 -16.97
O MSE B 2 -8.42 -8.17 -18.08
CB MSE B 2 -8.90 -10.69 -16.33
CG MSE B 2 -7.61 -11.43 -16.81
SE MSE B 2 -7.82 -13.42 -17.03
CE MSE B 2 -7.42 -13.99 -15.19
N GLY B 3 -6.66 -8.15 -16.66
CA GLY B 3 -5.80 -7.46 -17.59
C GLY B 3 -4.65 -6.76 -16.91
N ILE B 4 -3.61 -6.51 -17.67
CA ILE B 4 -2.47 -5.78 -17.17
C ILE B 4 -2.81 -4.31 -16.81
N HIS B 5 -3.79 -3.72 -17.49
CA HIS B 5 -4.27 -2.38 -17.16
C HIS B 5 -4.65 -2.28 -15.68
N GLN B 6 -5.42 -3.25 -15.20
CA GLN B 6 -5.84 -3.28 -13.81
C GLN B 6 -4.62 -3.42 -12.91
N TYR B 7 -3.66 -4.22 -13.33
CA TYR B 7 -2.45 -4.42 -12.54
C TYR B 7 -1.66 -3.10 -12.44
N PHE B 8 -1.54 -2.38 -13.58
CA PHE B 8 -0.85 -1.10 -13.57
C PHE B 8 -1.55 -0.09 -12.65
N GLN B 9 -2.89 -0.09 -12.63
CA GLN B 9 -3.64 0.84 -11.75
C GLN B 9 -3.37 0.49 -10.32
N SER B 10 -3.29 -0.81 -10.04
CA SER B 10 -3.07 -1.28 -8.67
C SER B 10 -1.77 -0.74 -8.09
N LEU B 11 -0.77 -0.50 -8.93
CA LEU B 11 0.54 -0.04 -8.41
C LEU B 11 0.38 1.30 -7.69
N SER B 12 -0.51 2.15 -8.17
CA SER B 12 -0.86 3.41 -7.49
C SER B 12 -1.57 3.22 -6.16
N ASP B 13 -2.35 2.16 -6.03
CA ASP B 13 -3.01 1.86 -4.77
C ASP B 13 -2.02 1.60 -3.63
N LEU B 14 -0.83 1.07 -3.95
CA LEU B 14 0.20 0.87 -2.94
C LEU B 14 0.77 2.16 -2.34
N GLU B 15 0.43 3.29 -2.94
CA GLU B 15 0.78 4.58 -2.39
C GLU B 15 -0.19 5.05 -1.29
N ASN B 16 -1.31 4.37 -1.19
CA ASN B 16 -2.36 4.70 -0.22
C ASN B 16 -2.45 3.70 0.94
N ILE B 17 -1.51 2.76 0.99
CA ILE B 17 -1.38 1.78 2.05
C ILE B 17 -0.08 2.14 2.76
N TYR B 18 -0.21 2.38 4.05
CA TYR B 18 0.88 2.84 4.87
C TYR B 18 1.36 1.78 5.83
N ARG B 19 2.61 1.90 6.22
CA ARG B 19 3.22 0.90 7.08
C ARG B 19 2.89 1.21 8.51
N CYS B 20 2.63 0.14 9.26
CA CYS B 20 2.21 0.14 10.66
C CYS B 20 1.31 1.31 11.05
N PRO B 21 0.12 1.34 10.48
CA PRO B 21 -0.77 2.42 10.87
C PRO B 21 -1.26 2.22 12.32
N GLY B 22 -1.64 3.31 12.99
CA GLY B 22 -2.12 3.28 14.39
C GLY B 22 -1.32 4.29 15.18
N LYS B 23 -0.16 3.84 15.65
CA LYS B 23 0.72 4.69 16.45
C LYS B 23 1.16 5.94 15.69
N PHE B 24 1.16 7.07 16.37
CA PHE B 24 1.64 8.33 15.79
C PHE B 24 3.05 8.17 15.27
N LYS B 25 3.28 8.60 14.04
CA LYS B 25 4.62 8.70 13.46
C LYS B 25 4.80 10.11 12.95
N TYR B 26 5.99 10.67 13.13
CA TYR B 26 6.23 12.02 12.55
C TYR B 26 6.21 11.95 11.03
N GLN B 27 6.72 10.86 10.45
CA GLN B 27 6.71 10.63 9.01
CA GLN B 27 6.68 10.66 9.00
C GLN B 27 6.11 9.28 8.67
N GLU B 28 5.12 9.27 7.78
CA GLU B 28 4.49 8.06 7.27
C GLU B 28 5.22 7.67 5.97
N HIS B 29 5.16 6.40 5.63
CA HIS B 29 5.82 5.86 4.43
C HIS B 29 4.84 4.91 3.79
N SER B 30 4.56 5.07 2.50
CA SER B 30 3.67 4.14 1.81
C SER B 30 4.37 2.82 1.53
N VAL B 31 3.60 1.79 1.23
CA VAL B 31 4.22 0.52 0.87
C VAL B 31 5.04 0.69 -0.42
N ALA B 32 4.55 1.53 -1.36
CA ALA B 32 5.29 1.82 -2.59
C ALA B 32 6.65 2.42 -2.25
N GLU B 33 6.65 3.38 -1.33
CA GLU B 33 7.89 4.04 -0.93
C GLU B 33 8.88 3.09 -0.28
N HIS B 34 8.34 2.24 0.59
CA HIS B 34 9.12 1.23 1.23
C HIS B 34 9.76 0.29 0.20
N SER B 35 8.99 -0.13 -0.80
CA SER B 35 9.49 -1.05 -1.82
C SER B 35 10.63 -0.43 -2.62
N TYR B 36 10.47 0.84 -2.98
CA TYR B 36 11.51 1.63 -3.61
C TYR B 36 12.80 1.64 -2.80
N LYS B 37 12.68 1.91 -1.51
CA LYS B 37 13.86 2.00 -0.66
C LYS B 37 14.52 0.63 -0.44
N VAL B 38 13.71 -0.41 -0.20
CA VAL B 38 14.28 -1.74 -0.02
C VAL B 38 15.00 -2.20 -1.28
N THR B 39 14.44 -1.90 -2.45
CA THR B 39 15.08 -2.29 -3.73
C THR B 39 16.42 -1.52 -3.90
N SER B 40 16.43 -0.22 -3.59
CA SER B 40 17.69 0.55 -3.57
C SER B 40 18.74 0.04 -2.61
N ILE B 41 18.31 -0.28 -1.38
CA ILE B 41 19.17 -0.90 -0.37
C ILE B 41 19.73 -2.23 -0.88
N ALA B 42 18.87 -3.09 -1.44
CA ALA B 42 19.29 -4.40 -1.92
C ALA B 42 20.34 -4.28 -3.03
N GLN B 43 20.10 -3.32 -3.93
CA GLN B 43 21.02 -2.98 -5.02
C GLN B 43 22.38 -2.63 -4.47
N PHE B 44 22.41 -1.86 -3.38
CA PHE B 44 23.68 -1.54 -2.78
C PHE B 44 24.35 -2.79 -2.22
N PHE B 45 23.61 -3.62 -1.50
CA PHE B 45 24.23 -4.83 -0.97
C PHE B 45 24.70 -5.78 -2.08
N GLY B 46 23.97 -5.81 -3.18
CA GLY B 46 24.39 -6.52 -4.38
C GLY B 46 25.81 -6.11 -4.82
N ALA B 47 26.06 -4.80 -4.81
CA ALA B 47 27.36 -4.23 -5.13
C ALA B 47 28.41 -4.71 -4.16
N VAL B 48 28.07 -4.75 -2.88
CA VAL B 48 28.99 -5.19 -1.86
C VAL B 48 29.34 -6.65 -2.08
N GLU B 49 28.34 -7.48 -2.35
CA GLU B 49 28.63 -8.90 -2.64
C GLU B 49 29.48 -9.10 -3.91
N GLU B 50 29.16 -8.36 -4.97
CA GLU B 50 29.93 -8.37 -6.21
CA GLU B 50 29.96 -8.43 -6.19
C GLU B 50 31.40 -7.99 -5.91
N ASP B 51 31.56 -6.91 -5.14
CA ASP B 51 32.89 -6.46 -4.78
C ASP B 51 33.67 -7.53 -4.02
N ALA B 52 32.98 -8.34 -3.22
CA ALA B 52 33.62 -9.42 -2.46
C ALA B 52 33.88 -10.65 -3.31
N GLY B 53 33.46 -10.60 -4.57
CA GLY B 53 33.72 -11.66 -5.51
C GLY B 53 32.67 -12.75 -5.52
N ASN B 54 31.50 -12.48 -4.98
CA ASN B 54 30.40 -13.45 -5.03
C ASN B 54 29.57 -13.17 -6.26
N GLU B 55 29.18 -14.24 -6.97
CA GLU B 55 28.28 -14.12 -8.10
C GLU B 55 26.90 -13.74 -7.56
N VAL B 56 26.31 -12.71 -8.15
CA VAL B 56 24.97 -12.22 -7.80
C VAL B 56 24.05 -12.44 -9.00
N ASN B 57 22.88 -13.03 -8.76
CA ASN B 57 21.82 -13.11 -9.77
C ASN B 57 20.97 -11.84 -9.67
N TRP B 58 21.23 -10.89 -10.58
CA TRP B 58 20.60 -9.58 -10.44
C TRP B 58 19.11 -9.59 -10.68
N ARG B 59 18.67 -10.37 -11.65
CA ARG B 59 17.24 -10.49 -11.86
C ARG B 59 16.58 -10.96 -10.59
N ALA B 60 17.19 -11.94 -9.90
CA ALA B 60 16.63 -12.49 -8.66
C ALA B 60 16.68 -11.46 -7.54
N LEU B 61 17.78 -10.71 -7.44
CA LEU B 61 17.90 -9.71 -6.39
C LEU B 61 16.82 -8.66 -6.52
N TYR B 62 16.69 -8.11 -7.70
CA TYR B 62 15.72 -7.04 -7.94
C TYR B 62 14.29 -7.50 -7.84
N GLU B 63 13.99 -8.62 -8.46
CA GLU B 63 12.62 -9.12 -8.45
C GLU B 63 12.14 -9.47 -7.02
N LYS B 64 13.01 -10.01 -6.18
CA LYS B 64 12.63 -10.27 -4.79
C LYS B 64 12.36 -8.97 -4.03
N ALA B 65 13.26 -7.99 -4.15
CA ALA B 65 13.15 -6.73 -3.41
C ALA B 65 11.99 -5.87 -3.91
N LEU B 66 11.82 -5.80 -5.22
CA LEU B 66 10.81 -4.94 -5.82
C LEU B 66 9.38 -5.38 -5.45
N ASN B 67 9.14 -6.68 -5.48
CA ASN B 67 7.81 -7.24 -5.37
C ASN B 67 7.43 -7.77 -4.00
N HIS B 68 8.30 -7.65 -3.01
CA HIS B 68 8.11 -8.39 -1.75
C HIS B 68 6.89 -7.95 -0.95
N ASP B 69 6.45 -6.70 -1.09
CA ASP B 69 5.28 -6.23 -0.35
C ASP B 69 4.04 -5.88 -1.21
N TYR B 70 4.04 -6.29 -2.47
CA TYR B 70 2.93 -6.10 -3.35
C TYR B 70 1.63 -6.67 -2.73
N SER B 71 1.73 -7.78 -2.01
CA SER B 71 0.55 -8.42 -1.39
C SER B 71 -0.14 -7.59 -0.33
N GLU B 72 0.54 -6.55 0.16
CA GLU B 72 -0.09 -5.65 1.11
C GLU B 72 -1.30 -4.91 0.50
N LEU B 73 -1.46 -5.04 -0.83
CA LEU B 73 -2.64 -4.51 -1.51
C LEU B 73 -3.93 -5.11 -0.97
N PHE B 74 -3.86 -6.37 -0.53
CA PHE B 74 -5.06 -7.11 -0.08
C PHE B 74 -4.98 -7.74 1.34
N ILE B 75 -3.79 -7.85 1.92
CA ILE B 75 -3.66 -8.28 3.30
C ILE B 75 -2.46 -7.62 3.98
N GLY B 76 -2.71 -6.90 5.08
CA GLY B 76 -1.66 -6.26 5.86
C GLY B 76 -0.68 -7.22 6.48
N ASP B 77 0.46 -6.69 6.91
CA ASP B 77 1.54 -7.49 7.45
C ASP B 77 1.98 -6.85 8.76
N ILE B 78 2.06 -7.63 9.84
CA ILE B 78 2.45 -7.07 11.14
C ILE B 78 3.98 -6.77 11.11
N LYS B 79 4.35 -5.46 11.17
CA LYS B 79 5.76 -4.97 11.09
C LYS B 79 6.47 -4.83 12.46
N THR B 80 5.66 -4.73 13.51
CA THR B 80 6.12 -4.52 14.88
C THR B 80 6.44 -5.89 15.54
N PRO B 81 7.29 -5.90 16.59
CA PRO B 81 7.73 -7.20 17.14
C PRO B 81 6.65 -7.94 17.95
N VAL B 82 6.90 -9.23 18.21
CA VAL B 82 5.97 -10.13 18.93
C VAL B 82 5.41 -9.49 20.21
N LYS B 83 4.18 -8.95 20.09
CA LYS B 83 3.47 -8.27 21.18
C LYS B 83 2.16 -8.98 21.50
N TYR B 84 1.28 -9.05 20.48
CA TYR B 84 -0.01 -9.75 20.58
C TYR B 84 -0.08 -10.94 19.61
N ALA B 85 0.73 -10.90 18.54
CA ALA B 85 0.86 -12.00 17.58
C ALA B 85 2.13 -12.83 17.87
N THR B 86 1.92 -14.07 18.32
CA THR B 86 3.01 -15.04 18.50
C THR B 86 3.57 -15.50 17.16
N THR B 87 4.62 -16.31 17.23
CA THR B 87 5.12 -17.06 16.09
C THR B 87 4.02 -17.79 15.32
N GLU B 88 3.25 -18.62 16.02
CA GLU B 88 2.18 -19.42 15.38
C GLU B 88 1.15 -18.51 14.66
N LEU B 89 0.74 -17.42 15.31
CA LEU B 89 -0.24 -16.46 14.72
C LEU B 89 0.26 -15.80 13.43
N ARG B 90 1.56 -15.51 13.38
CA ARG B 90 2.16 -14.97 12.17
C ARG B 90 2.22 -16.05 11.04
N GLU B 91 2.41 -17.32 11.39
CA GLU B 91 2.40 -18.42 10.37
C GLU B 91 1.04 -18.52 9.71
N MSE B 92 -0.03 -18.43 10.51
CA MSE B 92 -1.40 -18.40 9.98
C MSE B 92 -1.60 -17.23 9.01
O MSE B 92 -2.15 -17.43 7.93
CB MSE B 92 -2.42 -18.30 11.11
CG MSE B 92 -2.48 -19.53 12.02
SE MSE B 92 -3.87 -19.35 13.41
CE MSE B 92 -5.44 -19.05 12.25
N LEU B 93 -1.16 -16.02 9.40
CA LEU B 93 -1.28 -14.84 8.52
C LEU B 93 -0.49 -15.04 7.22
N SER B 94 0.64 -15.74 7.28
CA SER B 94 1.42 -16.06 6.07
C SER B 94 0.69 -16.99 5.12
N GLU B 95 -0.02 -17.97 5.68
CA GLU B 95 -0.80 -18.90 4.89
C GLU B 95 -1.93 -18.17 4.17
N VAL B 96 -2.64 -17.29 4.89
CA VAL B 96 -3.72 -16.50 4.29
C VAL B 96 -3.17 -15.66 3.13
N GLU B 97 -2.06 -14.95 3.38
CA GLU B 97 -1.41 -14.15 2.36
C GLU B 97 -1.07 -14.99 1.12
N GLU B 98 -0.48 -16.15 1.33
CA GLU B 98 -0.06 -17.01 0.21
C GLU B 98 -1.27 -17.40 -0.66
N SER B 99 -2.36 -17.82 -0.02
CA SER B 99 -3.56 -18.22 -0.74
C SER B 99 -4.19 -17.04 -1.46
N MSE B 100 -4.25 -15.91 -0.77
CA MSE B 100 -4.88 -14.74 -1.37
C MSE B 100 -4.12 -14.27 -2.60
O MSE B 100 -4.76 -13.88 -3.60
CB MSE B 100 -5.02 -13.61 -0.34
CG MSE B 100 -6.05 -13.89 0.71
SE MSE B 100 -6.23 -12.38 1.94
CE MSE B 100 -7.23 -11.08 0.86
N THR B 101 -2.78 -14.35 -2.55
CA THR B 101 -1.93 -13.98 -3.69
C THR B 101 -2.16 -14.93 -4.87
N LYS B 102 -2.28 -16.22 -4.60
CA LYS B 102 -2.58 -17.22 -5.63
C LYS B 102 -3.93 -16.91 -6.32
N ASN B 103 -4.94 -16.58 -5.52
CA ASN B 103 -6.28 -16.26 -6.04
C ASN B 103 -6.27 -14.90 -6.76
N PHE B 104 -5.49 -13.95 -6.26
CA PHE B 104 -5.35 -12.67 -6.96
C PHE B 104 -4.85 -12.91 -8.39
N ILE B 105 -3.75 -13.65 -8.51
CA ILE B 105 -3.11 -13.94 -9.81
C ILE B 105 -4.08 -14.66 -10.76
N SER B 106 -4.82 -15.62 -10.22
CA SER B 106 -5.75 -16.40 -11.02
C SER B 106 -6.89 -15.55 -11.58
N ARG B 107 -7.32 -14.56 -10.79
CA ARG B 107 -8.42 -13.67 -11.18
C ARG B 107 -8.02 -12.52 -12.06
N GLU B 108 -6.90 -11.87 -11.74
CA GLU B 108 -6.60 -10.57 -12.33
C GLU B 108 -5.59 -10.57 -13.47
N ILE B 109 -4.66 -11.53 -13.46
CA ILE B 109 -3.55 -11.51 -14.43
C ILE B 109 -3.93 -12.38 -15.61
N PRO B 110 -3.62 -11.93 -16.86
CA PRO B 110 -3.90 -12.82 -17.97
C PRO B 110 -3.12 -14.13 -17.87
N ALA B 111 -3.71 -15.17 -18.46
CA ALA B 111 -3.22 -16.54 -18.40
C ALA B 111 -1.74 -16.63 -18.81
N THR B 112 -1.39 -16.01 -19.95
CA THR B 112 0.00 -16.06 -20.45
C THR B 112 1.03 -15.60 -19.41
N PHE B 113 0.62 -14.69 -18.52
CA PHE B 113 1.55 -14.09 -17.56
C PHE B 113 1.39 -14.62 -16.14
N GLN B 114 0.41 -15.52 -15.89
CA GLN B 114 0.20 -16.00 -14.53
C GLN B 114 1.45 -16.67 -13.93
N PRO B 115 2.15 -17.51 -14.73
CA PRO B 115 3.32 -18.20 -14.18
C PRO B 115 4.39 -17.23 -13.73
N ILE B 116 4.66 -16.20 -14.54
CA ILE B 116 5.70 -15.25 -14.21
C ILE B 116 5.32 -14.46 -12.94
N TYR B 117 4.05 -14.02 -12.83
CA TYR B 117 3.56 -13.35 -11.63
C TYR B 117 3.50 -14.24 -10.37
N ARG B 118 3.22 -15.54 -10.53
CA ARG B 118 3.37 -16.49 -9.41
C ARG B 118 4.82 -16.53 -8.91
N HIS B 119 5.75 -16.54 -9.85
CA HIS B 119 7.16 -16.47 -9.47
C HIS B 119 7.54 -15.12 -8.82
N LEU B 120 7.08 -14.02 -9.42
CA LEU B 120 7.42 -12.70 -8.94
C LEU B 120 6.87 -12.43 -7.55
N LEU B 121 5.71 -12.99 -7.21
CA LEU B 121 4.99 -12.66 -5.99
C LEU B 121 5.01 -13.76 -4.92
N LYS B 122 5.79 -14.82 -5.13
CA LYS B 122 6.01 -15.80 -4.06
C LYS B 122 6.97 -15.20 -3.05
N GLU B 123 7.00 -15.81 -1.85
CA GLU B 123 7.96 -15.45 -0.77
C GLU B 123 9.39 -15.32 -1.33
N GLY B 124 10.01 -14.17 -1.09
CA GLY B 124 11.35 -13.91 -1.59
C GLY B 124 12.47 -14.25 -0.62
N LYS B 125 12.17 -14.27 0.66
CA LYS B 125 13.15 -14.53 1.71
C LYS B 125 13.45 -16.01 1.82
N ASP B 126 14.26 -16.52 0.91
CA ASP B 126 14.70 -17.92 0.93
C ASP B 126 16.17 -17.92 1.31
N SER B 127 16.84 -19.05 1.20
CA SER B 127 18.22 -19.11 1.66
C SER B 127 19.23 -18.87 0.55
N THR B 128 18.79 -18.45 -0.63
CA THR B 128 19.74 -18.04 -1.68
C THR B 128 20.39 -16.74 -1.24
N LEU B 129 21.50 -16.39 -1.89
CA LEU B 129 22.17 -15.14 -1.60
C LEU B 129 21.19 -13.98 -1.76
N GLU B 130 20.41 -14.00 -2.84
CA GLU B 130 19.52 -12.86 -3.16
C GLU B 130 18.33 -12.75 -2.20
N GLY B 131 17.91 -13.90 -1.66
CA GLY B 131 16.86 -13.95 -0.65
C GLY B 131 17.31 -13.41 0.70
N LYS B 132 18.56 -13.70 1.05
CA LYS B 132 19.12 -13.13 2.26
C LYS B 132 19.35 -11.63 2.09
N ILE B 133 19.71 -11.21 0.88
CA ILE B 133 19.83 -9.77 0.64
C ILE B 133 18.49 -9.11 0.87
N LEU B 134 17.41 -9.76 0.46
CA LEU B 134 16.06 -9.20 0.71
C LEU B 134 15.79 -9.15 2.20
N ALA B 135 16.15 -10.21 2.93
CA ALA B 135 15.91 -10.24 4.37
C ALA B 135 16.61 -9.07 5.06
N ILE B 136 17.87 -8.82 4.76
CA ILE B 136 18.59 -7.79 5.48
C ILE B 136 18.13 -6.42 5.04
N SER B 137 17.77 -6.28 3.75
CA SER B 137 17.40 -4.97 3.18
C SER B 137 16.09 -4.41 3.75
N ASP B 138 15.11 -5.30 3.91
CA ASP B 138 13.84 -5.02 4.57
C ASP B 138 14.08 -4.57 6.04
N LYS B 139 14.92 -5.30 6.76
CA LYS B 139 15.25 -4.91 8.13
C LYS B 139 16.03 -3.60 8.20
N VAL B 140 16.89 -3.35 7.24
CA VAL B 140 17.59 -2.06 7.21
C VAL B 140 16.59 -0.93 7.05
N ASP B 141 15.57 -1.09 6.21
CA ASP B 141 14.61 0.01 6.02
C ASP B 141 13.81 0.22 7.31
N LEU B 142 13.43 -0.87 7.94
CA LEU B 142 12.71 -0.83 9.21
C LEU B 142 13.57 -0.14 10.28
N LEU B 143 14.85 -0.44 10.26
CA LEU B 143 15.80 0.19 11.17
C LEU B 143 15.90 1.71 10.93
N TYR B 144 15.97 2.12 9.66
CA TYR B 144 15.95 3.57 9.33
C TYR B 144 14.63 4.27 9.73
N GLU B 145 13.51 3.62 9.48
CA GLU B 145 12.20 4.22 9.82
C GLU B 145 12.09 4.38 11.33
N SER B 146 12.48 3.35 12.08
CA SER B 146 12.32 3.39 13.52
C SER B 146 13.36 4.37 14.13
N PHE B 147 14.56 4.37 13.54
CA PHE B 147 15.64 5.26 13.91
C PHE B 147 15.19 6.71 13.77
N GLY B 148 14.55 7.01 12.65
CA GLY B 148 14.06 8.36 12.39
C GLY B 148 13.12 8.81 13.48
N GLU B 149 12.18 7.94 13.85
CA GLU B 149 11.23 8.27 14.90
C GLU B 149 11.89 8.48 16.27
N ILE B 150 12.85 7.63 16.60
CA ILE B 150 13.54 7.72 17.87
C ILE B 150 14.36 8.99 17.97
N GLN B 151 15.02 9.32 16.87
CA GLN B 151 15.77 10.58 16.72
C GLN B 151 14.89 11.77 17.02
N LYS B 152 13.65 11.73 16.55
CA LYS B 152 12.69 12.83 16.73
C LYS B 152 12.01 12.81 18.08
N GLY B 153 12.38 11.83 18.91
CA GLY B 153 11.85 11.73 20.26
C GLY B 153 10.40 11.25 20.30
N ASN B 154 9.99 10.45 19.32
CA ASN B 154 8.67 9.89 19.32
C ASN B 154 8.41 9.24 20.68
N PRO B 155 7.31 9.62 21.34
CA PRO B 155 7.17 9.09 22.67
C PRO B 155 6.87 7.59 22.77
N GLU B 156 6.49 6.93 21.68
CA GLU B 156 6.09 5.53 21.76
C GLU B 156 7.27 4.57 21.84
N ASN B 157 7.30 3.72 22.89
CA ASN B 157 8.39 2.76 23.03
C ASN B 157 8.45 1.73 21.89
N ILE B 158 7.35 1.55 21.16
CA ILE B 158 7.32 0.59 20.08
C ILE B 158 8.51 0.79 19.12
N PHE B 159 8.91 2.03 18.87
CA PHE B 159 9.98 2.29 17.90
C PHE B 159 11.36 1.78 18.37
N VAL B 160 11.64 1.90 19.66
CA VAL B 160 12.87 1.31 20.23
C VAL B 160 12.84 -0.19 20.10
N GLU B 161 11.65 -0.77 20.29
CA GLU B 161 11.50 -2.22 20.17
C GLU B 161 11.68 -2.70 18.74
N ILE B 162 11.16 -1.94 17.78
CA ILE B 162 11.33 -2.27 16.35
C ILE B 162 12.84 -2.20 15.96
N TYR B 163 13.49 -1.13 16.38
CA TYR B 163 14.89 -0.91 16.09
C TYR B 163 15.72 -2.09 16.64
N SER B 164 15.42 -2.47 17.88
CA SER B 164 16.14 -3.55 18.55
CA SER B 164 16.14 -3.55 18.55
C SER B 164 15.99 -4.87 17.81
N GLU B 165 14.75 -5.17 17.40
CA GLU B 165 14.46 -6.39 16.68
C GLU B 165 15.14 -6.40 15.34
N ALA B 166 15.09 -5.27 14.63
CA ALA B 166 15.67 -5.15 13.32
C ALA B 166 17.19 -5.33 13.40
N LEU B 167 17.87 -4.61 14.30
CA LEU B 167 19.31 -4.79 14.45
C LEU B 167 19.69 -6.22 14.88
N ALA B 168 18.99 -6.77 15.87
CA ALA B 168 19.20 -8.15 16.28
C ALA B 168 19.17 -9.09 15.07
N THR B 169 18.14 -8.97 14.25
CA THR B 169 18.02 -9.80 13.05
C THR B 169 19.17 -9.56 12.05
N ILE B 170 19.50 -8.31 11.74
CA ILE B 170 20.64 -8.02 10.87
C ILE B 170 21.92 -8.76 11.38
N TYR B 171 22.13 -8.79 12.69
CA TYR B 171 23.29 -9.48 13.26
C TYR B 171 23.34 -10.96 13.00
N GLU B 172 22.19 -11.59 12.83
CA GLU B 172 22.09 -13.02 12.49
CA GLU B 172 22.20 -13.02 12.56
C GLU B 172 22.76 -13.30 11.15
N TYR B 173 22.89 -12.26 10.32
CA TYR B 173 23.43 -12.44 8.96
C TYR B 173 24.87 -11.89 8.82
N ARG B 174 25.58 -11.77 9.94
CA ARG B 174 26.92 -11.16 9.96
CA ARG B 174 26.90 -11.13 9.92
C ARG B 174 27.99 -11.91 9.19
N GLU B 175 27.72 -13.15 8.76
CA GLU B 175 28.71 -13.90 7.94
C GLU B 175 28.77 -13.29 6.54
N MSE B 176 27.72 -12.59 6.15
CA MSE B 176 27.65 -11.96 4.83
C MSE B 176 28.54 -10.71 4.73
O MSE B 176 28.58 -9.89 5.64
CB MSE B 176 26.22 -11.55 4.51
CG MSE B 176 25.19 -12.66 4.32
SE MSE B 176 23.43 -11.87 4.10
CE MSE B 176 23.58 -11.29 2.23
N ALA B 177 29.20 -10.57 3.59
CA ALA B 177 29.97 -9.34 3.30
C ALA B 177 29.10 -8.08 3.45
N SER B 178 27.87 -8.16 2.95
CA SER B 178 26.86 -7.08 3.13
C SER B 178 26.72 -6.54 4.55
N VAL B 179 26.48 -7.47 5.49
CA VAL B 179 26.26 -7.10 6.88
C VAL B 179 27.59 -6.74 7.53
N LYS B 180 28.69 -7.37 7.14
CA LYS B 180 30.00 -6.95 7.66
C LYS B 180 30.18 -5.49 7.27
N TYR B 181 29.89 -5.16 6.01
CA TYR B 181 29.99 -3.77 5.58
C TYR B 181 29.07 -2.87 6.38
N PHE B 182 27.81 -3.24 6.49
CA PHE B 182 26.84 -2.43 7.27
C PHE B 182 27.30 -2.10 8.71
N LEU B 183 27.81 -3.09 9.44
CA LEU B 183 28.18 -2.90 10.85
C LEU B 183 29.47 -2.08 10.97
N LYS B 184 30.43 -2.32 10.07
CA LYS B 184 31.68 -1.60 10.10
C LYS B 184 31.52 -0.10 9.74
N GLU B 185 30.76 0.18 8.69
CA GLU B 185 30.75 1.52 8.10
C GLU B 185 29.45 2.30 8.24
N ILE B 186 28.31 1.62 8.13
CA ILE B 186 27.04 2.34 8.07
C ILE B 186 26.49 2.56 9.47
N LEU B 187 26.45 1.51 10.31
CA LEU B 187 25.85 1.66 11.66
C LEU B 187 26.54 2.74 12.49
N PRO B 188 27.86 2.80 12.45
CA PRO B 188 28.52 3.87 13.21
C PRO B 188 28.19 5.30 12.75
N ASP B 189 27.92 5.49 11.46
CA ASP B 189 27.53 6.82 10.96
C ASP B 189 26.14 7.19 11.44
N MSE B 190 25.22 6.21 11.52
CA MSE B 190 23.89 6.43 12.12
C MSE B 190 24.06 6.94 13.54
O MSE B 190 23.45 7.93 13.92
CB MSE B 190 23.02 5.16 12.16
CG MSE B 190 22.64 4.61 10.80
SE MSE B 190 21.75 2.86 10.90
CE MSE B 190 20.04 3.54 11.49
N LEU B 191 24.93 6.28 14.29
CA LEU B 191 25.13 6.63 15.71
C LEU B 191 25.98 7.89 15.91
N ALA B 192 26.75 8.27 14.91
CA ALA B 192 27.42 9.57 14.96
C ALA B 192 26.45 10.75 14.63
N GLU B 193 25.19 10.48 14.30
CA GLU B 193 24.23 11.56 13.97
C GLU B 193 24.09 12.55 15.10
N LYS B 194 23.97 13.83 14.75
CA LYS B 194 23.88 14.91 15.75
C LYS B 194 22.61 14.83 16.57
N GLY B 195 22.75 14.76 17.90
CA GLY B 195 21.61 14.66 18.84
C GLY B 195 21.37 13.24 19.35
N ILE B 196 21.97 12.25 18.71
CA ILE B 196 21.69 10.86 19.03
C ILE B 196 22.20 10.43 20.43
N GLU B 197 23.18 11.15 20.94
CA GLU B 197 23.65 10.94 22.32
C GLU B 197 22.62 11.38 23.40
N LYS B 198 21.51 12.00 22.97
CA LYS B 198 20.37 12.31 23.86
C LYS B 198 19.32 11.21 23.88
N THR B 199 19.47 10.24 22.98
CA THR B 199 18.58 9.10 22.89
C THR B 199 19.28 7.95 23.60
N GLU B 200 18.61 6.82 23.70
CA GLU B 200 19.24 5.63 24.29
C GLU B 200 19.86 4.71 23.23
N LEU B 201 19.88 5.16 21.97
CA LEU B 201 20.37 4.32 20.86
C LEU B 201 21.81 3.85 21.04
N PRO B 202 22.73 4.77 21.45
CA PRO B 202 24.11 4.33 21.69
C PRO B 202 24.21 3.10 22.61
N GLN B 203 23.60 3.21 23.79
CA GLN B 203 23.68 2.14 24.78
C GLN B 203 22.99 0.88 24.23
N LEU B 204 21.77 1.06 23.76
CA LEU B 204 20.96 -0.04 23.22
C LEU B 204 21.67 -0.81 22.10
N THR B 205 22.36 -0.05 21.23
CA THR B 205 23.11 -0.64 20.12
C THR B 205 24.31 -1.46 20.62
N THR B 206 25.02 -0.93 21.63
CA THR B 206 26.07 -1.70 22.31
C THR B 206 25.48 -3.00 22.86
N GLU B 207 24.37 -2.88 23.59
CA GLU B 207 23.69 -4.05 24.17
C GLU B 207 23.32 -5.12 23.16
N ILE B 208 22.71 -4.68 22.06
CA ILE B 208 22.33 -5.59 20.99
C ILE B 208 23.57 -6.28 20.40
N THR B 209 24.66 -5.53 20.21
CA THR B 209 25.94 -6.10 19.69
C THR B 209 26.60 -7.07 20.69
N THR B 210 26.54 -6.75 21.98
CA THR B 210 27.05 -7.62 23.08
C THR B 210 26.23 -8.91 23.12
N LYS B 211 24.90 -8.74 23.18
CA LYS B 211 23.93 -9.85 23.08
C LYS B 211 24.23 -10.72 21.86
N ALA B 212 24.49 -10.05 20.71
CA ALA B 212 24.89 -10.72 19.47
C ALA B 212 26.39 -10.60 19.26
N GLY C 1 28.57 13.39 6.61
CA GLY C 1 29.91 12.82 6.32
C GLY C 1 29.91 11.76 5.24
N MSE C 2 31.00 11.66 4.47
CA MSE C 2 31.10 10.62 3.43
C MSE C 2 30.58 9.26 3.95
O MSE C 2 31.02 8.75 5.00
CB MSE C 2 32.53 10.44 2.87
CG MSE C 2 32.67 9.24 1.84
SE MSE C 2 34.26 9.28 0.64
CE MSE C 2 33.56 10.42 -0.79
N GLY C 3 29.63 8.70 3.21
CA GLY C 3 29.22 7.35 3.48
C GLY C 3 27.83 7.02 2.96
N ILE C 4 27.62 5.72 2.88
CA ILE C 4 26.39 5.12 2.40
C ILE C 4 25.21 5.43 3.30
N HIS C 5 25.45 5.63 4.60
CA HIS C 5 24.38 6.06 5.51
C HIS C 5 23.71 7.30 4.95
N GLN C 6 24.51 8.27 4.47
CA GLN C 6 23.90 9.50 3.92
C GLN C 6 23.11 9.20 2.65
N TYR C 7 23.60 8.27 1.85
CA TYR C 7 22.86 7.81 0.67
C TYR C 7 21.56 7.12 1.12
N PHE C 8 21.61 6.23 2.09
CA PHE C 8 20.37 5.58 2.56
C PHE C 8 19.38 6.67 3.05
N GLN C 9 19.86 7.68 3.74
CA GLN C 9 18.92 8.72 4.19
C GLN C 9 18.27 9.44 3.04
N SER C 10 19.05 9.72 1.99
CA SER C 10 18.57 10.44 0.82
C SER C 10 17.42 9.70 0.13
N LEU C 11 17.36 8.38 0.30
CA LEU C 11 16.31 7.61 -0.32
C LEU C 11 14.95 8.06 0.22
N SER C 12 14.86 8.32 1.52
CA SER C 12 13.66 8.89 2.13
C SER C 12 13.37 10.34 1.70
N ASP C 13 14.39 11.11 1.34
CA ASP C 13 14.15 12.48 0.84
C ASP C 13 13.28 12.50 -0.43
N LEU C 14 13.42 11.47 -1.25
CA LEU C 14 12.65 11.33 -2.48
C LEU C 14 11.17 11.06 -2.23
N GLU C 15 10.79 10.82 -0.98
CA GLU C 15 9.37 10.76 -0.60
C GLU C 15 8.75 12.13 -0.45
N ASN C 16 9.58 13.17 -0.37
CA ASN C 16 9.10 14.53 -0.13
C ASN C 16 9.28 15.47 -1.31
N ILE C 17 9.52 14.88 -2.48
CA ILE C 17 9.55 15.56 -3.79
C ILE C 17 8.43 14.92 -4.55
N TYR C 18 7.51 15.75 -5.03
CA TYR C 18 6.30 15.30 -5.69
C TYR C 18 6.26 15.57 -7.18
N ARG C 19 5.57 14.70 -7.91
CA ARG C 19 5.41 14.85 -9.35
C ARG C 19 4.38 15.94 -9.64
N CYS C 20 4.54 16.61 -10.78
CA CYS C 20 3.63 17.67 -11.20
CA CYS C 20 3.64 17.69 -11.22
C CYS C 20 3.37 18.65 -10.06
N PRO C 21 4.45 19.25 -9.51
CA PRO C 21 4.17 20.15 -8.43
C PRO C 21 3.57 21.42 -9.05
N GLY C 22 2.78 22.11 -8.27
CA GLY C 22 2.23 23.34 -8.73
C GLY C 22 0.91 23.25 -9.44
N LYS C 23 0.30 22.07 -9.47
CA LYS C 23 -1.04 21.90 -10.06
C LYS C 23 -1.99 21.21 -9.08
N PHE C 24 -3.26 21.59 -9.14
CA PHE C 24 -4.27 20.90 -8.36
C PHE C 24 -4.38 19.44 -8.78
N LYS C 25 -4.38 18.56 -7.79
CA LYS C 25 -4.63 17.17 -8.07
C LYS C 25 -5.30 16.47 -6.93
N TYR C 26 -6.06 15.46 -7.28
CA TYR C 26 -6.71 14.60 -6.31
C TYR C 26 -5.71 13.64 -5.67
N GLN C 27 -4.68 13.23 -6.40
CA GLN C 27 -3.65 12.33 -5.82
C GLN C 27 -2.23 12.80 -6.09
N GLU C 28 -1.43 12.91 -5.06
CA GLU C 28 -0.04 13.30 -5.21
CA GLU C 28 -0.05 13.29 -5.27
C GLU C 28 0.78 12.01 -5.32
N HIS C 29 1.88 12.03 -6.07
CA HIS C 29 2.77 10.89 -6.17
C HIS C 29 4.18 11.38 -5.91
N SER C 30 4.92 10.73 -5.01
CA SER C 30 6.28 11.15 -4.75
C SER C 30 7.16 10.57 -5.82
N VAL C 31 8.38 11.09 -5.92
CA VAL C 31 9.36 10.57 -6.90
C VAL C 31 9.69 9.13 -6.53
N ALA C 32 9.81 8.84 -5.25
CA ALA C 32 10.01 7.44 -4.77
C ALA C 32 8.91 6.51 -5.31
N GLU C 33 7.66 6.93 -5.18
CA GLU C 33 6.54 6.16 -5.64
C GLU C 33 6.56 5.99 -7.15
N HIS C 34 6.85 7.07 -7.86
CA HIS C 34 6.97 7.05 -9.32
C HIS C 34 8.03 6.03 -9.74
N SER C 35 9.17 6.02 -9.04
CA SER C 35 10.26 5.14 -9.33
C SER C 35 9.86 3.69 -9.13
N TYR C 36 9.14 3.41 -8.05
CA TYR C 36 8.59 2.10 -7.80
C TYR C 36 7.71 1.64 -8.95
N LYS C 37 6.84 2.51 -9.43
CA LYS C 37 5.88 2.13 -10.42
C LYS C 37 6.54 1.92 -11.79
N VAL C 38 7.41 2.85 -12.19
CA VAL C 38 8.21 2.73 -13.42
C VAL C 38 9.01 1.42 -13.44
N THR C 39 9.63 1.08 -12.32
CA THR C 39 10.39 -0.18 -12.24
C THR C 39 9.45 -1.41 -12.39
N SER C 40 8.26 -1.36 -11.79
CA SER C 40 7.29 -2.43 -11.93
C SER C 40 6.73 -2.57 -13.34
N ILE C 41 6.55 -1.45 -14.00
CA ILE C 41 6.06 -1.40 -15.39
C ILE C 41 7.18 -1.95 -16.31
N ALA C 42 8.43 -1.47 -16.11
CA ALA C 42 9.57 -1.98 -16.86
C ALA C 42 9.71 -3.47 -16.70
N GLN C 43 9.55 -3.94 -15.48
CA GLN C 43 9.60 -5.39 -15.19
C GLN C 43 8.59 -6.15 -16.07
N PHE C 44 7.37 -5.62 -16.22
CA PHE C 44 6.35 -6.26 -17.05
C PHE C 44 6.81 -6.25 -18.52
N PHE C 45 7.23 -5.08 -19.02
CA PHE C 45 7.67 -5.02 -20.41
C PHE C 45 8.85 -5.96 -20.75
N GLY C 46 9.71 -6.21 -19.78
CA GLY C 46 10.80 -7.19 -19.93
C GLY C 46 10.30 -8.57 -20.26
N ALA C 47 9.24 -8.98 -19.57
CA ALA C 47 8.59 -10.26 -19.81
C ALA C 47 7.94 -10.27 -21.20
N VAL C 48 7.34 -9.14 -21.61
CA VAL C 48 6.74 -9.03 -22.97
C VAL C 48 7.84 -9.20 -24.02
N GLU C 49 9.00 -8.57 -23.79
CA GLU C 49 10.15 -8.68 -24.72
C GLU C 49 10.77 -10.09 -24.77
N GLU C 50 10.87 -10.74 -23.62
CA GLU C 50 11.36 -12.11 -23.57
C GLU C 50 10.42 -13.07 -24.31
N ASP C 51 9.11 -12.89 -24.13
CA ASP C 51 8.10 -13.71 -24.78
C ASP C 51 8.16 -13.50 -26.31
N ALA C 52 8.60 -12.31 -26.74
CA ALA C 52 8.70 -12.02 -28.17
C ALA C 52 10.02 -12.57 -28.76
N GLY C 53 10.82 -13.23 -27.93
CA GLY C 53 12.07 -13.87 -28.38
C GLY C 53 13.32 -13.04 -28.18
N ASN C 54 13.16 -11.82 -27.65
CA ASN C 54 14.30 -10.90 -27.40
C ASN C 54 15.04 -11.18 -26.09
N GLU C 55 16.35 -11.10 -26.15
CA GLU C 55 17.19 -11.25 -24.99
C GLU C 55 17.09 -9.98 -24.16
N VAL C 56 16.83 -10.12 -22.87
CA VAL C 56 16.78 -8.96 -21.97
C VAL C 56 17.93 -9.03 -20.97
N ASN C 57 18.68 -7.94 -20.84
CA ASN C 57 19.68 -7.81 -19.79
C ASN C 57 18.92 -7.23 -18.57
N TRP C 58 18.51 -8.10 -17.65
CA TRP C 58 17.68 -7.69 -16.52
C TRP C 58 18.36 -6.74 -15.54
N ARG C 59 19.65 -6.95 -15.29
CA ARG C 59 20.37 -6.00 -14.46
C ARG C 59 20.26 -4.59 -15.06
N ALA C 60 20.39 -4.48 -16.37
CA ALA C 60 20.32 -3.17 -17.03
C ALA C 60 18.88 -2.61 -16.95
N LEU C 61 17.87 -3.46 -17.16
CA LEU C 61 16.48 -3.02 -17.15
C LEU C 61 16.10 -2.45 -15.78
N TYR C 62 16.38 -3.22 -14.74
CA TYR C 62 16.06 -2.78 -13.39
C TYR C 62 16.88 -1.60 -12.94
N GLU C 63 18.19 -1.61 -13.19
CA GLU C 63 19.00 -0.49 -12.71
C GLU C 63 18.65 0.81 -13.42
N LYS C 64 18.30 0.73 -14.70
CA LYS C 64 17.88 1.96 -15.40
C LYS C 64 16.57 2.53 -14.84
N ALA C 65 15.59 1.66 -14.62
CA ALA C 65 14.26 2.10 -14.17
C ALA C 65 14.31 2.55 -12.71
N LEU C 66 14.98 1.79 -11.86
CA LEU C 66 15.00 2.10 -10.42
C LEU C 66 15.64 3.44 -10.11
N ASN C 67 16.76 3.72 -10.79
CA ASN C 67 17.59 4.85 -10.47
C ASN C 67 17.37 6.11 -11.31
N HIS C 68 16.48 6.05 -12.29
CA HIS C 68 16.39 7.11 -13.31
C HIS C 68 16.02 8.47 -12.77
N ASP C 69 15.24 8.52 -11.71
CA ASP C 69 14.87 9.83 -11.16
C ASP C 69 15.48 10.17 -9.80
N TYR C 70 16.49 9.41 -9.38
CA TYR C 70 17.19 9.71 -8.15
C TYR C 70 17.70 11.15 -8.15
N SER C 71 18.17 11.62 -9.30
CA SER C 71 18.76 12.95 -9.43
C SER C 71 17.76 14.12 -9.25
N GLU C 72 16.46 13.82 -9.14
CA GLU C 72 15.48 14.84 -8.76
C GLU C 72 15.77 15.43 -7.36
N LEU C 73 16.52 14.71 -6.54
CA LEU C 73 17.00 15.28 -5.28
C LEU C 73 17.76 16.56 -5.48
N PHE C 74 18.39 16.73 -6.63
CA PHE C 74 19.23 17.90 -6.88
C PHE C 74 18.53 19.05 -7.62
N ILE C 75 17.81 18.77 -8.72
CA ILE C 75 17.10 19.83 -9.47
C ILE C 75 15.84 19.28 -10.11
N GLU C 91 18.27 22.76 -21.83
CA GLU C 91 19.38 21.80 -21.75
C GLU C 91 20.47 22.21 -20.73
N MSE C 92 20.54 23.49 -20.32
CA MSE C 92 21.48 23.94 -19.26
C MSE C 92 21.03 23.47 -17.84
O MSE C 92 21.83 23.49 -16.88
CB MSE C 92 21.65 25.46 -19.26
N LEU C 93 19.75 23.05 -17.73
CA LEU C 93 19.21 22.41 -16.52
C LEU C 93 19.61 20.91 -16.45
N SER C 94 19.88 20.33 -17.62
CA SER C 94 20.52 19.02 -17.72
C SER C 94 22.00 19.10 -17.24
N GLU C 95 22.65 20.26 -17.45
CA GLU C 95 24.06 20.47 -17.07
C GLU C 95 24.27 20.55 -15.55
N VAL C 96 23.37 21.26 -14.86
CA VAL C 96 23.50 21.48 -13.41
C VAL C 96 23.15 20.19 -12.61
N GLU C 97 22.16 19.46 -13.11
CA GLU C 97 21.77 18.15 -12.56
C GLU C 97 22.98 17.22 -12.60
N GLU C 98 23.54 17.05 -13.79
CA GLU C 98 24.73 16.22 -14.00
C GLU C 98 25.82 16.63 -13.04
N SER C 99 26.19 17.90 -13.10
CA SER C 99 27.21 18.46 -12.22
C SER C 99 26.96 18.18 -10.73
N MSE C 100 25.70 18.31 -10.28
CA MSE C 100 25.38 18.09 -8.86
C MSE C 100 25.47 16.59 -8.47
O MSE C 100 25.88 16.28 -7.34
CB MSE C 100 24.02 18.69 -8.49
CG MSE C 100 24.06 20.23 -8.30
SE MSE C 100 22.27 20.90 -7.95
CE MSE C 100 22.14 20.50 -6.07
N THR C 101 25.06 15.70 -9.39
CA THR C 101 25.20 14.24 -9.22
C THR C 101 26.67 13.88 -9.06
N LYS C 102 27.51 14.43 -9.93
CA LYS C 102 28.97 14.26 -9.85
C LYS C 102 29.55 14.71 -8.50
N ASN C 103 29.10 15.87 -7.99
CA ASN C 103 29.60 16.35 -6.68
C ASN C 103 29.09 15.53 -5.51
N PHE C 104 27.83 15.16 -5.57
CA PHE C 104 27.27 14.26 -4.57
C PHE C 104 28.09 12.94 -4.49
N ILE C 105 28.41 12.36 -5.65
CA ILE C 105 29.13 11.08 -5.67
C ILE C 105 30.54 11.23 -5.04
N SER C 106 31.30 12.24 -5.47
CA SER C 106 32.65 12.47 -4.90
C SER C 106 32.65 12.71 -3.40
N ARG C 107 31.57 13.29 -2.90
CA ARG C 107 31.49 13.72 -1.51
C ARG C 107 30.93 12.63 -0.59
N GLU C 108 29.89 11.93 -1.02
CA GLU C 108 29.13 11.04 -0.15
C GLU C 108 29.34 9.55 -0.37
N ILE C 109 29.72 9.15 -1.59
CA ILE C 109 29.86 7.73 -1.91
C ILE C 109 31.33 7.34 -1.70
N PRO C 110 31.58 6.28 -0.89
CA PRO C 110 32.95 5.84 -0.67
C PRO C 110 33.65 5.48 -2.00
N ALA C 111 34.93 5.84 -2.10
CA ALA C 111 35.76 5.60 -3.30
C ALA C 111 35.45 4.28 -4.01
N THR C 112 35.45 3.18 -3.27
CA THR C 112 35.25 1.86 -3.87
C THR C 112 33.92 1.66 -4.62
N PHE C 113 32.89 2.46 -4.30
CA PHE C 113 31.60 2.37 -4.97
C PHE C 113 31.32 3.54 -5.93
N GLN C 114 32.24 4.47 -6.06
CA GLN C 114 31.99 5.62 -6.92
C GLN C 114 31.75 5.24 -8.41
N PRO C 115 32.55 4.32 -8.97
CA PRO C 115 32.32 4.01 -10.39
C PRO C 115 30.96 3.39 -10.64
N ILE C 116 30.54 2.51 -9.74
CA ILE C 116 29.23 1.92 -9.87
CA ILE C 116 29.21 1.92 -9.82
C ILE C 116 28.11 2.97 -9.67
N TYR C 117 28.25 3.88 -8.70
CA TYR C 117 27.17 4.90 -8.52
C TYR C 117 27.15 5.97 -9.64
N ARG C 118 28.29 6.32 -10.20
CA ARG C 118 28.33 7.17 -11.40
CA ARG C 118 28.30 7.18 -11.38
C ARG C 118 27.53 6.49 -12.53
N HIS C 119 27.72 5.17 -12.67
CA HIS C 119 26.99 4.38 -13.67
C HIS C 119 25.48 4.33 -13.35
N LEU C 120 25.12 4.06 -12.09
CA LEU C 120 23.71 3.94 -11.69
C LEU C 120 22.94 5.23 -11.84
N LEU C 121 23.61 6.35 -11.67
CA LEU C 121 22.91 7.64 -11.65
C LEU C 121 22.99 8.43 -12.95
N LYS C 122 23.70 7.93 -13.95
CA LYS C 122 23.74 8.62 -15.25
C LYS C 122 22.47 8.39 -16.06
N GLU C 123 22.34 9.14 -17.17
CA GLU C 123 21.17 9.08 -18.04
C GLU C 123 21.03 7.69 -18.60
N GLY C 124 19.89 7.06 -18.34
CA GLY C 124 19.65 5.71 -18.75
C GLY C 124 18.87 5.50 -20.03
N LYS C 125 18.24 6.56 -20.57
CA LYS C 125 17.42 6.40 -21.78
C LYS C 125 18.33 6.48 -22.97
N ASP C 126 18.80 5.33 -23.41
CA ASP C 126 19.64 5.22 -24.62
C ASP C 126 18.91 4.33 -25.62
N SER C 127 19.58 3.87 -26.66
CA SER C 127 18.91 3.10 -27.69
C SER C 127 19.02 1.58 -27.47
N THR C 128 19.62 1.15 -26.37
CA THR C 128 19.56 -0.28 -26.02
C THR C 128 18.11 -0.65 -25.75
N LEU C 129 17.81 -1.94 -25.81
CA LEU C 129 16.43 -2.37 -25.54
C LEU C 129 15.99 -1.95 -24.11
N GLU C 130 16.90 -2.06 -23.17
CA GLU C 130 16.58 -1.71 -21.80
C GLU C 130 16.40 -0.19 -21.62
N GLY C 131 17.20 0.61 -22.31
CA GLY C 131 17.03 2.07 -22.34
C GLY C 131 15.70 2.44 -22.96
N LYS C 132 15.28 1.65 -23.96
CA LYS C 132 13.97 1.88 -24.58
C LYS C 132 12.82 1.49 -23.66
N ILE C 133 12.98 0.40 -22.92
CA ILE C 133 12.00 -0.01 -21.97
C ILE C 133 11.85 1.08 -20.89
N LEU C 134 12.95 1.72 -20.50
CA LEU C 134 12.84 2.79 -19.51
C LEU C 134 12.05 3.95 -20.10
N ALA C 135 12.35 4.29 -21.34
CA ALA C 135 11.73 5.47 -22.00
C ALA C 135 10.22 5.25 -22.04
N ILE C 136 9.77 4.04 -22.41
CA ILE C 136 8.32 3.81 -22.50
C ILE C 136 7.66 3.67 -21.16
N SER C 137 8.34 3.00 -20.21
CA SER C 137 7.84 2.79 -18.85
C SER C 137 7.59 4.11 -18.09
N ASP C 138 8.52 5.04 -18.22
CA ASP C 138 8.38 6.37 -17.69
C ASP C 138 7.14 7.05 -18.25
N LYS C 139 6.93 6.96 -19.56
CA LYS C 139 5.78 7.54 -20.20
C LYS C 139 4.50 6.81 -19.88
N VAL C 140 4.55 5.50 -19.69
CA VAL C 140 3.34 4.77 -19.29
C VAL C 140 2.92 5.26 -17.87
N ASP C 141 3.87 5.42 -16.96
CA ASP C 141 3.48 5.97 -15.68
C ASP C 141 2.84 7.35 -15.80
N LEU C 142 3.44 8.24 -16.60
CA LEU C 142 2.91 9.57 -16.82
C LEU C 142 1.52 9.51 -17.39
N LEU C 143 1.29 8.59 -18.33
CA LEU C 143 -0.02 8.45 -18.94
C LEU C 143 -1.07 8.00 -17.91
N TYR C 144 -0.70 7.08 -17.04
CA TYR C 144 -1.57 6.65 -15.95
C TYR C 144 -1.85 7.76 -14.92
N GLU C 145 -0.84 8.54 -14.56
CA GLU C 145 -1.04 9.61 -13.58
C GLU C 145 -2.06 10.62 -14.14
N SER C 146 -1.87 11.00 -15.40
CA SER C 146 -2.72 12.02 -15.98
C SER C 146 -4.11 11.45 -16.25
N PHE C 147 -4.15 10.21 -16.73
CA PHE C 147 -5.41 9.50 -16.90
C PHE C 147 -6.19 9.44 -15.58
N GLY C 148 -5.52 9.12 -14.50
CA GLY C 148 -6.17 9.07 -13.18
C GLY C 148 -6.86 10.36 -12.78
N GLU C 149 -6.16 11.49 -12.99
CA GLU C 149 -6.70 12.78 -12.65
C GLU C 149 -7.91 13.10 -13.51
N ILE C 150 -7.80 12.84 -14.80
CA ILE C 150 -8.93 13.06 -15.72
C ILE C 150 -10.14 12.20 -15.32
N GLN C 151 -9.91 10.94 -15.00
CA GLN C 151 -10.98 9.99 -14.63
C GLN C 151 -11.68 10.45 -13.31
N LYS C 152 -10.92 11.08 -12.41
CA LYS C 152 -11.45 11.65 -11.17
C LYS C 152 -12.07 13.04 -11.31
N GLY C 153 -12.24 13.53 -12.54
CA GLY C 153 -12.88 14.83 -12.78
C GLY C 153 -11.97 16.03 -12.66
N ASN C 154 -10.65 15.85 -12.66
CA ASN C 154 -9.76 17.01 -12.54
C ASN C 154 -10.02 17.90 -13.77
N PRO C 155 -10.37 19.16 -13.54
CA PRO C 155 -10.76 20.01 -14.68
C PRO C 155 -9.58 20.66 -15.41
N GLU C 156 -8.42 20.76 -14.76
CA GLU C 156 -7.20 21.28 -15.38
C GLU C 156 -6.89 20.59 -16.73
N ASN C 157 -7.02 21.34 -17.83
CA ASN C 157 -6.71 20.80 -19.18
C ASN C 157 -5.28 20.31 -19.31
N ILE C 158 -4.35 20.85 -18.53
CA ILE C 158 -2.96 20.37 -18.54
C ILE C 158 -2.87 18.83 -18.55
N PHE C 159 -3.76 18.15 -17.84
CA PHE C 159 -3.67 16.68 -17.75
C PHE C 159 -4.00 16.01 -19.08
N VAL C 160 -4.90 16.61 -19.85
CA VAL C 160 -5.23 16.09 -21.17
C VAL C 160 -4.02 16.30 -22.09
N GLU C 161 -3.35 17.44 -21.95
CA GLU C 161 -2.15 17.71 -22.71
C GLU C 161 -1.04 16.74 -22.35
N ILE C 162 -0.88 16.43 -21.06
CA ILE C 162 0.14 15.52 -20.62
C ILE C 162 -0.16 14.11 -21.16
N TYR C 163 -1.41 13.70 -21.03
CA TYR C 163 -1.82 12.41 -21.55
C TYR C 163 -1.43 12.30 -23.05
N SER C 164 -1.78 13.33 -23.83
CA SER C 164 -1.45 13.36 -25.26
C SER C 164 0.00 13.25 -25.61
N GLU C 165 0.84 13.98 -24.87
CA GLU C 165 2.28 13.98 -25.13
CA GLU C 165 2.31 13.98 -25.04
C GLU C 165 2.89 12.63 -24.69
N ALA C 166 2.41 12.09 -23.57
CA ALA C 166 2.89 10.80 -23.09
C ALA C 166 2.52 9.72 -24.14
N LEU C 167 1.26 9.70 -24.59
CA LEU C 167 0.82 8.73 -25.58
C LEU C 167 1.58 8.86 -26.92
N ALA C 168 1.73 10.09 -27.40
CA ALA C 168 2.50 10.35 -28.63
C ALA C 168 3.93 9.86 -28.50
N THR C 169 4.54 10.07 -27.34
CA THR C 169 5.92 9.62 -27.15
C THR C 169 5.96 8.09 -27.13
N ILE C 170 5.00 7.47 -26.47
CA ILE C 170 4.93 6.01 -26.47
C ILE C 170 4.83 5.50 -27.92
N TYR C 171 4.00 6.16 -28.72
CA TYR C 171 3.77 5.74 -30.09
C TYR C 171 5.02 5.81 -30.96
N GLU C 172 5.99 6.66 -30.57
CA GLU C 172 7.26 6.73 -31.28
CA GLU C 172 7.29 6.75 -31.26
C GLU C 172 8.14 5.51 -31.04
N TYR C 173 7.74 4.64 -30.12
CA TYR C 173 8.44 3.40 -29.85
C TYR C 173 7.61 2.18 -30.36
N ARG C 174 6.73 2.43 -31.31
CA ARG C 174 5.83 1.41 -31.84
C ARG C 174 6.49 0.20 -32.46
N GLU C 175 7.78 0.25 -32.76
CA GLU C 175 8.50 -0.93 -33.26
C GLU C 175 8.67 -2.03 -32.21
N MSE C 176 8.55 -1.66 -30.92
CA MSE C 176 8.84 -2.60 -29.83
C MSE C 176 7.67 -3.53 -29.56
O MSE C 176 6.51 -3.10 -29.56
CB MSE C 176 9.13 -1.85 -28.53
CG MSE C 176 10.23 -0.81 -28.63
SE MSE C 176 10.35 0.07 -26.89
CE MSE C 176 11.23 -1.39 -25.84
N ALA C 177 7.98 -4.78 -29.25
CA ALA C 177 6.98 -5.74 -28.85
C ALA C 177 6.18 -5.19 -27.62
N SER C 178 6.89 -4.52 -26.71
CA SER C 178 6.24 -3.89 -25.54
C SER C 178 5.11 -2.95 -25.94
N VAL C 179 5.37 -2.07 -26.91
CA VAL C 179 4.40 -1.08 -27.32
C VAL C 179 3.24 -1.73 -28.13
N LYS C 180 3.55 -2.72 -28.97
CA LYS C 180 2.52 -3.51 -29.66
C LYS C 180 1.51 -4.11 -28.64
N TYR C 181 2.02 -4.70 -27.57
CA TYR C 181 1.16 -5.28 -26.52
C TYR C 181 0.35 -4.17 -25.82
N PHE C 182 1.03 -3.10 -25.46
CA PHE C 182 0.39 -1.95 -24.83
C PHE C 182 -0.79 -1.46 -25.65
N LEU C 183 -0.55 -1.19 -26.94
CA LEU C 183 -1.61 -0.67 -27.82
C LEU C 183 -2.69 -1.71 -28.08
N LYS C 184 -2.33 -2.98 -28.16
CA LYS C 184 -3.34 -4.01 -28.40
C LYS C 184 -4.20 -4.38 -27.19
N GLU C 185 -3.60 -4.44 -26.00
CA GLU C 185 -4.24 -5.04 -24.84
C GLU C 185 -4.54 -4.06 -23.71
N ILE C 186 -3.64 -3.13 -23.47
CA ILE C 186 -3.73 -2.28 -22.28
C ILE C 186 -4.53 -1.03 -22.57
N LEU C 187 -4.14 -0.31 -23.61
CA LEU C 187 -4.80 0.94 -23.97
C LEU C 187 -6.31 0.80 -24.15
N PRO C 188 -6.75 -0.27 -24.86
CA PRO C 188 -8.20 -0.41 -24.96
C PRO C 188 -8.91 -0.59 -23.61
N ASP C 189 -8.29 -1.26 -22.64
CA ASP C 189 -8.87 -1.37 -21.29
C ASP C 189 -8.99 0.01 -20.63
N MSE C 190 -7.95 0.83 -20.78
CA MSE C 190 -7.98 2.20 -20.27
CA MSE C 190 -7.98 2.18 -20.26
C MSE C 190 -9.17 2.95 -20.83
O MSE C 190 -9.95 3.58 -20.09
CB MSE C 190 -6.71 2.98 -20.64
CB MSE C 190 -6.64 2.85 -20.61
CG MSE C 190 -5.43 2.41 -20.07
CG MSE C 190 -6.49 4.26 -20.19
SE MSE C 190 -3.93 3.53 -20.49
SE MSE C 190 -4.67 4.79 -20.53
CE MSE C 190 -4.82 5.21 -19.97
CE MSE C 190 -3.92 4.66 -18.72
N LEU C 191 -9.33 2.90 -22.14
CA LEU C 191 -10.39 3.63 -22.79
C LEU C 191 -11.78 3.04 -22.57
N ALA C 192 -11.89 1.80 -22.09
CA ALA C 192 -13.19 1.20 -21.77
C ALA C 192 -13.63 1.58 -20.36
N GLU C 193 -12.81 2.33 -19.63
CA GLU C 193 -13.20 2.72 -18.28
C GLU C 193 -14.47 3.54 -18.26
N LYS C 194 -15.23 3.36 -17.19
CA LYS C 194 -16.47 4.13 -16.93
C LYS C 194 -16.21 5.64 -17.07
N GLY C 195 -16.94 6.30 -17.97
CA GLY C 195 -16.99 7.76 -18.07
C GLY C 195 -16.04 8.39 -19.07
N ILE C 196 -15.14 7.58 -19.63
CA ILE C 196 -14.14 8.07 -20.55
C ILE C 196 -14.77 8.58 -21.85
N GLU C 197 -15.97 8.07 -22.14
CA GLU C 197 -16.75 8.55 -23.28
C GLU C 197 -17.10 10.04 -23.18
N LYS C 198 -17.22 10.58 -21.96
CA LYS C 198 -17.47 12.02 -21.75
C LYS C 198 -16.22 12.94 -21.93
N THR C 199 -15.04 12.35 -22.14
CA THR C 199 -13.82 13.13 -22.29
C THR C 199 -13.43 13.18 -23.76
N GLU C 200 -12.27 13.72 -24.04
CA GLU C 200 -11.71 13.72 -25.39
C GLU C 200 -10.67 12.61 -25.59
N LEU C 201 -10.45 11.79 -24.56
CA LEU C 201 -9.38 10.78 -24.67
C LEU C 201 -9.63 9.85 -25.85
N PRO C 202 -10.87 9.35 -26.00
CA PRO C 202 -11.15 8.52 -27.16
C PRO C 202 -10.73 9.18 -28.47
N GLN C 203 -11.13 10.43 -28.70
CA GLN C 203 -10.78 11.12 -29.95
C GLN C 203 -9.28 11.31 -30.12
N LEU C 204 -8.63 11.81 -29.05
CA LEU C 204 -7.20 12.10 -29.10
C LEU C 204 -6.41 10.84 -29.34
N THR C 205 -6.84 9.77 -28.69
CA THR C 205 -6.15 8.51 -28.78
C THR C 205 -6.13 8.03 -30.23
N THR C 206 -7.29 8.14 -30.91
CA THR C 206 -7.39 7.75 -32.32
C THR C 206 -6.46 8.58 -33.18
N GLU C 207 -6.45 9.89 -32.93
CA GLU C 207 -5.63 10.83 -33.67
C GLU C 207 -4.14 10.55 -33.51
N ILE C 208 -3.70 10.27 -32.28
CA ILE C 208 -2.28 10.09 -31.99
C ILE C 208 -1.76 8.76 -32.53
N THR C 209 -2.57 7.71 -32.45
CA THR C 209 -2.12 6.36 -32.82
C THR C 209 -2.45 5.90 -34.26
N THR C 210 -2.75 6.83 -35.16
CA THR C 210 -3.05 6.49 -36.56
C THR C 210 -2.66 7.61 -37.53
N LYS C 211 -3.02 8.85 -37.18
CA LYS C 211 -2.75 10.04 -38.01
C LYS C 211 -1.25 10.35 -38.16
CA CA D . -17.02 -2.46 10.78
CA CA E . -9.29 12.61 8.58
CA CA F . -14.74 -5.75 13.89
CA CA G . -40.78 6.72 21.28
CA CA H . -24.80 -11.33 24.57
CA CA I . -41.09 9.39 2.06
C1 PEG J . -6.43 -7.66 6.54
O1 PEG J . -6.79 -6.47 5.82
C2 PEG J . -5.01 -7.50 7.08
O2 PEG J . -4.71 -7.93 8.41
C3 PEG J . -3.28 -7.88 8.65
C4 PEG J . -2.83 -7.31 10.00
O4 PEG J . -2.08 -6.07 9.89
CA CA K . 8.66 -5.40 4.05
CA CA L . 3.75 10.72 1.73
CA CA M . 5.76 -9.12 2.22
C1 PEG N . 21.19 -16.97 8.27
O1 PEG N . 19.97 -17.59 7.86
C2 PEG N . 22.34 -17.74 7.63
O2 PEG N . 22.91 -17.00 6.56
C3 PEG N . 23.75 -15.91 6.97
C4 PEG N . 25.07 -16.00 6.22
O4 PEG N . 24.85 -16.40 4.86
CA CA O . 10.59 10.05 -14.73
CA CA P . 15.73 11.72 -14.30
CA CA P . 18.24 11.08 -13.72
#